data_9IMA
#
_entry.id   9IMA
#
_cell.length_a   1.00
_cell.length_b   1.00
_cell.length_c   1.00
_cell.angle_alpha   90.00
_cell.angle_beta   90.00
_cell.angle_gamma   90.00
#
_symmetry.space_group_name_H-M   'P 1'
#
loop_
_entity.id
_entity.type
_entity.pdbx_description
1 polymer 'Talquetamab Fab (anti-GPRC5D) Heavy chain'
2 polymer 'Talquetamab Fab (anti-GPRC5D) Light chain'
3 polymer 'G-protein coupled receptor family C group 5 member D'
4 non-polymer CHOLESTEROL
#
loop_
_entity_poly.entity_id
_entity_poly.type
_entity_poly.pdbx_seq_one_letter_code
_entity_poly.pdbx_strand_id
1 'polypeptide(L)'
;QVQLVQSGAEVKKPGASVKVSCKASGYSFTGYTMNWVRQAPGQGLEWMGLINPYNSDTNYAQKLQGRVTMTTDTSTSTAY
MELRSLRSDDTAVYYCARVALRVALDYWGQGTLVTVSSASTKGPSVFPLAPCSRSTSESTAALGCLVKDYFPEPVTVSWN
SGALTSGVHTFPAVLQSSGLYSLSSVVTVPSSSLGTKTYTCNVDHKPSNTKVDKRVESKYGLVPRGSHHHHHH
;
C
2 'polypeptide(L)'
;DIQMTQSPSSLSASVGDRVTITCKASQNVATHVGWYQQKPGKAPKRLIYSASYRYSGVPSRFSGSGSGTEFTLTISNLQP
EDFATYYCQQYNRYPYTFGQGTKLEIKRTVAAPSVFIFPPSDEQLKSGTASVVCLLNNFYPREAKVQWKVDNALQSGNSQ
ESVTEQDSKDSTYSLSSTLTLSKADYEKHKVYACEVTHQGLSSPVTKSFNRGEC
;
D
3 'polypeptide(L)'
;MVDMYKDCIESTGDYFLLCDAEGPWGIILESLAILGIVVTILLLLAFLFLMRKIQDCSQWNVLPTQLLFLLSVLGLFGLA
FAFIIELNQQTAPVRYFLFGVLFALCFSCLLAHASNLVKLVRGCVSFSWTTILCIAIGCSLLQIIIATEYVTLIMTRGMM
FVNMTPCQLNVDFVVLLVYVLFLMALTFFVSKATFCGPCENWKQHGRLIFITVLFSIIIWVVWISMLLRGNPQFQRQPQW
DDPVVCIALVTNAWVFLLLYIVPELCILYRSCRQECPLQGNACPVTAYQHSFQVENQELSRARDSDGAEEDSGSGSGRGR
GGSENLYFQGGSGSGGDYKDDDDKDYKDDDDK
;
B,A
#
# COMPACT_ATOMS: atom_id res chain seq x y z
N GLN A 1 23.40 -5.09 -7.80
CA GLN A 1 22.19 -5.56 -8.45
C GLN A 1 21.26 -4.39 -8.79
N VAL A 2 20.37 -4.07 -7.87
CA VAL A 2 19.42 -2.97 -8.07
C VAL A 2 20.14 -1.65 -7.84
N GLN A 3 20.13 -0.79 -8.85
CA GLN A 3 20.81 0.50 -8.79
C GLN A 3 19.89 1.61 -9.28
N LEU A 4 19.89 2.73 -8.54
CA LEU A 4 19.19 3.94 -8.93
C LEU A 4 20.21 5.07 -8.99
N VAL A 5 20.44 5.61 -10.18
CA VAL A 5 21.46 6.64 -10.40
C VAL A 5 20.76 7.89 -10.90
N GLN A 6 20.96 9.01 -10.20
CA GLN A 6 20.32 10.26 -10.55
C GLN A 6 21.28 11.17 -11.29
N SER A 7 20.78 12.37 -11.64
CA SER A 7 21.59 13.37 -12.32
C SER A 7 22.40 14.17 -11.31
N GLY A 8 23.21 15.11 -11.81
CA GLY A 8 24.05 15.91 -10.95
C GLY A 8 23.30 17.02 -10.25
N ALA A 9 24.00 17.66 -9.32
CA ALA A 9 23.43 18.79 -8.59
C ALA A 9 23.28 19.99 -9.51
N GLU A 10 22.18 20.72 -9.34
CA GLU A 10 21.87 21.84 -10.21
C GLU A 10 21.51 23.08 -9.38
N VAL A 11 21.88 24.24 -9.91
CA VAL A 11 21.57 25.53 -9.31
C VAL A 11 20.62 26.27 -10.24
N LYS A 12 19.51 26.75 -9.68
CA LYS A 12 18.46 27.40 -10.44
C LYS A 12 18.21 28.81 -9.91
N LYS A 13 17.25 29.48 -10.53
CA LYS A 13 16.74 30.78 -10.15
C LYS A 13 15.31 30.63 -9.62
N PRO A 14 14.83 31.52 -8.72
CA PRO A 14 13.50 31.35 -8.13
C PRO A 14 12.35 31.78 -9.02
N GLY A 15 12.44 31.44 -10.31
CA GLY A 15 11.31 31.56 -11.22
C GLY A 15 11.31 30.48 -12.28
N ALA A 16 12.20 29.51 -12.13
CA ALA A 16 12.46 28.52 -13.17
C ALA A 16 11.90 27.16 -12.76
N SER A 17 12.20 26.15 -13.59
CA SER A 17 11.78 24.77 -13.35
C SER A 17 12.99 23.85 -13.43
N VAL A 18 12.91 22.73 -12.72
CA VAL A 18 14.01 21.78 -12.61
C VAL A 18 13.51 20.39 -13.00
N LYS A 19 14.36 19.63 -13.67
CA LYS A 19 14.11 18.23 -14.01
C LYS A 19 15.16 17.37 -13.34
N VAL A 20 14.71 16.35 -12.60
CA VAL A 20 15.58 15.39 -11.94
C VAL A 20 15.29 14.02 -12.53
N SER A 21 16.33 13.35 -13.01
CA SER A 21 16.20 12.04 -13.63
C SER A 21 16.64 10.94 -12.66
N CYS A 22 16.16 9.74 -12.91
CA CYS A 22 16.50 8.58 -12.08
C CYS A 22 16.54 7.36 -12.99
N LYS A 23 17.75 6.95 -13.36
CA LYS A 23 17.98 5.72 -14.13
C LYS A 23 17.93 4.51 -13.19
N ALA A 24 17.13 3.52 -13.56
CA ALA A 24 16.96 2.32 -12.77
C ALA A 24 17.55 1.12 -13.51
N SER A 25 18.25 0.26 -12.79
CA SER A 25 18.86 -0.92 -13.39
C SER A 25 18.85 -2.06 -12.39
N GLY A 26 18.95 -3.28 -12.92
CA GLY A 26 19.02 -4.47 -12.11
C GLY A 26 17.68 -5.13 -11.79
N TYR A 27 16.58 -4.60 -12.31
CA TYR A 27 15.27 -5.17 -12.01
C TYR A 27 14.30 -4.76 -13.12
N SER A 28 13.13 -5.40 -13.11
CA SER A 28 12.06 -5.07 -14.05
C SER A 28 11.47 -3.72 -13.66
N PHE A 29 11.78 -2.68 -14.45
CA PHE A 29 11.42 -1.32 -14.10
C PHE A 29 9.91 -1.08 -14.11
N THR A 30 9.19 -1.84 -14.94
CA THR A 30 7.75 -1.58 -15.12
C THR A 30 6.95 -1.93 -13.87
N GLY A 31 7.35 -2.97 -13.14
CA GLY A 31 6.52 -3.50 -12.08
C GLY A 31 6.78 -2.98 -10.68
N TYR A 32 7.41 -1.82 -10.53
CA TYR A 32 7.67 -1.28 -9.21
C TYR A 32 7.39 0.22 -9.18
N THR A 33 6.63 0.66 -8.17
CA THR A 33 6.28 2.07 -8.03
C THR A 33 7.48 2.88 -7.55
N MET A 34 7.61 4.11 -8.05
CA MET A 34 8.71 4.99 -7.69
C MET A 34 8.17 6.19 -6.89
N ASN A 35 8.67 6.37 -5.67
CA ASN A 35 8.45 7.56 -4.87
C ASN A 35 9.58 8.56 -5.07
N TRP A 36 9.26 9.82 -4.79
CA TRP A 36 10.24 10.90 -4.77
C TRP A 36 10.19 11.58 -3.41
N VAL A 37 11.33 11.61 -2.71
CA VAL A 37 11.41 12.12 -1.36
C VAL A 37 12.49 13.19 -1.30
N ARG A 38 12.15 14.37 -0.78
CA ARG A 38 13.10 15.47 -0.68
C ARG A 38 13.43 15.76 0.79
N GLN A 39 14.63 16.27 1.01
CA GLN A 39 15.12 16.62 2.34
C GLN A 39 15.75 18.00 2.29
N ALA A 40 15.24 18.91 3.11
CA ALA A 40 15.85 20.22 3.23
C ALA A 40 17.17 20.12 4.02
N PRO A 41 18.10 21.04 3.79
CA PRO A 41 19.35 21.03 4.57
C PRO A 41 19.10 21.26 6.05
N GLY A 42 19.42 20.25 6.85
CA GLY A 42 19.22 20.31 8.29
C GLY A 42 17.85 19.88 8.76
N GLN A 43 16.96 19.50 7.85
CA GLN A 43 15.59 19.10 8.21
C GLN A 43 15.41 17.61 7.94
N GLY A 44 14.17 17.14 8.16
CA GLY A 44 13.84 15.75 7.98
C GLY A 44 13.43 15.43 6.55
N LEU A 45 13.01 14.18 6.36
CA LEU A 45 12.59 13.71 5.05
C LEU A 45 11.14 14.08 4.77
N GLU A 46 10.86 14.47 3.53
CA GLU A 46 9.52 14.89 3.12
C GLU A 46 9.13 14.13 1.85
N TRP A 47 7.95 13.51 1.88
CA TRP A 47 7.46 12.72 0.75
C TRP A 47 6.69 13.63 -0.20
N MET A 48 6.97 13.50 -1.50
CA MET A 48 6.35 14.35 -2.51
C MET A 48 5.32 13.62 -3.35
N GLY A 49 5.63 12.43 -3.85
CA GLY A 49 4.67 11.73 -4.68
C GLY A 49 5.22 10.43 -5.20
N LEU A 50 4.38 9.76 -5.99
CA LEU A 50 4.67 8.46 -6.58
C LEU A 50 4.22 8.44 -8.04
N ILE A 51 4.86 7.55 -8.80
CA ILE A 51 4.41 7.23 -10.15
C ILE A 51 4.54 5.72 -10.34
N ASN A 52 3.50 5.11 -10.94
CA ASN A 52 3.54 3.72 -11.35
C ASN A 52 3.97 3.65 -12.81
N PRO A 53 5.13 3.06 -13.13
CA PRO A 53 5.60 3.04 -14.52
C PRO A 53 4.76 2.20 -15.46
N TYR A 54 3.91 1.30 -14.93
CA TYR A 54 3.09 0.46 -15.81
C TYR A 54 2.06 1.28 -16.57
N ASN A 55 1.40 2.24 -15.91
CA ASN A 55 0.34 3.00 -16.52
C ASN A 55 0.47 4.51 -16.32
N SER A 56 1.61 4.98 -15.82
CA SER A 56 1.90 6.41 -15.62
C SER A 56 0.87 7.09 -14.72
N ASP A 57 0.40 6.37 -13.70
CA ASP A 57 -0.51 6.93 -12.72
C ASP A 57 0.32 7.55 -11.59
N THR A 58 0.06 8.81 -11.30
CA THR A 58 0.83 9.57 -10.32
C THR A 58 -0.05 9.92 -9.13
N ASN A 59 0.61 10.24 -8.02
CA ASN A 59 -0.07 10.66 -6.80
C ASN A 59 0.88 11.61 -6.07
N TYR A 60 0.51 12.88 -5.97
CA TYR A 60 1.36 13.92 -5.42
C TYR A 60 0.92 14.32 -4.03
N ALA A 61 1.83 14.96 -3.29
CA ALA A 61 1.50 15.52 -2.00
C ALA A 61 0.62 16.74 -2.16
N GLN A 62 -0.16 17.05 -1.11
CA GLN A 62 -1.17 18.10 -1.21
C GLN A 62 -0.54 19.48 -1.39
N LYS A 63 0.58 19.74 -0.72
CA LYS A 63 1.21 21.04 -0.80
C LYS A 63 2.03 21.25 -2.06
N LEU A 64 2.20 20.21 -2.89
CA LEU A 64 3.01 20.30 -4.09
C LEU A 64 2.21 20.22 -5.38
N GLN A 65 0.90 19.99 -5.31
CA GLN A 65 0.08 19.86 -6.50
C GLN A 65 0.03 21.17 -7.28
N GLY A 66 0.10 21.06 -8.61
CA GLY A 66 0.09 22.19 -9.49
C GLY A 66 1.44 22.56 -10.07
N ARG A 67 2.53 22.05 -9.49
CA ARG A 67 3.86 22.34 -10.00
C ARG A 67 4.77 21.13 -10.12
N VAL A 68 4.35 19.96 -9.65
CA VAL A 68 5.15 18.75 -9.74
C VAL A 68 4.56 17.85 -10.83
N THR A 69 5.44 17.33 -11.68
CA THR A 69 5.02 16.45 -12.77
C THR A 69 5.98 15.27 -12.84
N MET A 70 5.46 14.06 -12.69
CA MET A 70 6.26 12.85 -12.70
C MET A 70 5.96 12.04 -13.95
N THR A 71 7.02 11.69 -14.68
CA THR A 71 6.92 10.90 -15.90
C THR A 71 7.88 9.71 -15.82
N THR A 72 7.62 8.70 -16.66
CA THR A 72 8.51 7.57 -16.79
C THR A 72 8.78 7.29 -18.27
N ASP A 73 9.96 6.71 -18.52
CA ASP A 73 10.35 6.28 -19.85
C ASP A 73 10.77 4.81 -19.75
N THR A 74 9.93 3.92 -20.27
CA THR A 74 10.15 2.49 -20.14
C THR A 74 11.31 2.01 -21.01
N SER A 75 11.47 2.62 -22.19
CA SER A 75 12.52 2.20 -23.12
C SER A 75 13.91 2.39 -22.53
N THR A 76 14.14 3.50 -21.85
CA THR A 76 15.39 3.73 -21.14
C THR A 76 15.27 3.46 -19.65
N SER A 77 14.05 3.18 -19.16
CA SER A 77 13.78 2.87 -17.75
C SER A 77 14.26 3.98 -16.83
N THR A 78 13.73 5.18 -17.05
CA THR A 78 14.15 6.37 -16.32
C THR A 78 12.94 7.15 -15.86
N ALA A 79 12.92 7.52 -14.58
CA ALA A 79 11.85 8.31 -14.00
C ALA A 79 12.27 9.76 -13.89
N TYR A 80 11.44 10.67 -14.39
CA TYR A 80 11.70 12.10 -14.38
C TYR A 80 10.73 12.82 -13.45
N MET A 81 11.25 13.80 -12.73
CA MET A 81 10.44 14.65 -11.86
C MET A 81 10.70 16.10 -12.23
N GLU A 82 9.62 16.84 -12.50
CA GLU A 82 9.68 18.25 -12.88
C GLU A 82 9.05 19.09 -11.78
N LEU A 83 9.78 20.12 -11.34
CA LEU A 83 9.27 21.07 -10.36
C LEU A 83 9.32 22.47 -10.96
N ARG A 84 8.16 23.13 -11.02
CA ARG A 84 8.03 24.45 -11.61
C ARG A 84 7.76 25.48 -10.53
N SER A 85 8.02 26.75 -10.87
CA SER A 85 7.85 27.90 -9.98
C SER A 85 8.64 27.70 -8.68
N LEU A 86 9.95 27.58 -8.84
CA LEU A 86 10.83 27.27 -7.72
C LEU A 86 10.92 28.46 -6.76
N ARG A 87 11.05 28.14 -5.47
CA ARG A 87 11.22 29.11 -4.41
C ARG A 87 12.48 28.78 -3.62
N SER A 88 12.85 29.70 -2.71
CA SER A 88 14.06 29.53 -1.91
C SER A 88 13.93 28.39 -0.91
N ASP A 89 12.71 27.99 -0.55
CA ASP A 89 12.51 26.84 0.32
C ASP A 89 12.52 25.51 -0.41
N ASP A 90 12.66 25.52 -1.74
CA ASP A 90 12.76 24.30 -2.53
C ASP A 90 14.19 23.79 -2.67
N THR A 91 15.16 24.51 -2.11
CA THR A 91 16.55 24.04 -2.07
C THR A 91 16.63 22.78 -1.22
N ALA A 92 16.89 21.64 -1.85
CA ALA A 92 16.79 20.37 -1.14
C ALA A 92 17.57 19.29 -1.89
N VAL A 93 17.78 18.18 -1.19
CA VAL A 93 18.35 16.97 -1.79
C VAL A 93 17.19 16.02 -2.11
N TYR A 94 17.14 15.55 -3.34
CA TYR A 94 16.02 14.79 -3.87
C TYR A 94 16.44 13.36 -4.13
N TYR A 95 15.60 12.42 -3.74
CA TYR A 95 15.87 10.98 -3.85
C TYR A 95 14.72 10.30 -4.58
N CYS A 96 15.06 9.37 -5.47
CA CYS A 96 14.08 8.45 -6.03
C CYS A 96 14.19 7.13 -5.26
N ALA A 97 13.07 6.65 -4.74
CA ALA A 97 13.05 5.45 -3.92
C ALA A 97 12.08 4.44 -4.52
N ARG A 98 12.53 3.20 -4.66
CA ARG A 98 11.74 2.16 -5.28
C ARG A 98 10.91 1.47 -4.20
N VAL A 99 9.68 1.07 -4.55
CA VAL A 99 8.80 0.33 -3.65
C VAL A 99 8.67 -1.09 -4.16
N ALA A 100 9.04 -2.06 -3.33
CA ALA A 100 8.76 -3.47 -3.58
C ALA A 100 7.64 -3.93 -2.65
N LEU A 101 7.13 -5.13 -2.91
CA LEU A 101 6.01 -5.61 -2.13
C LEU A 101 6.49 -6.20 -0.80
N ARG A 102 5.56 -6.25 0.17
CA ARG A 102 5.75 -6.73 1.55
C ARG A 102 6.68 -5.83 2.36
N VAL A 103 7.25 -4.79 1.76
CA VAL A 103 8.33 -4.03 2.36
C VAL A 103 8.10 -2.54 2.23
N ALA A 104 9.10 -1.75 2.65
CA ALA A 104 9.09 -0.30 2.64
C ALA A 104 10.15 0.18 1.66
N LEU A 105 10.52 1.46 1.73
CA LEU A 105 11.42 2.06 0.74
C LEU A 105 12.81 1.43 0.86
N ASP A 106 13.07 0.42 0.04
CA ASP A 106 14.24 -0.43 0.19
C ASP A 106 15.44 0.03 -0.62
N TYR A 107 15.24 0.66 -1.77
CA TYR A 107 16.35 1.13 -2.59
C TYR A 107 16.18 2.61 -2.91
N TRP A 108 17.28 3.34 -2.80
CA TRP A 108 17.29 4.80 -2.88
C TRP A 108 18.34 5.25 -3.88
N GLY A 109 18.11 6.41 -4.49
CA GLY A 109 19.13 7.05 -5.28
C GLY A 109 20.15 7.76 -4.39
N GLN A 110 21.24 8.21 -5.00
CA GLN A 110 22.29 8.86 -4.22
C GLN A 110 21.92 10.27 -3.82
N GLY A 111 20.92 10.87 -4.46
CA GLY A 111 20.51 12.22 -4.11
C GLY A 111 21.00 13.28 -5.06
N THR A 112 20.12 14.18 -5.46
CA THR A 112 20.46 15.30 -6.33
C THR A 112 20.16 16.59 -5.59
N LEU A 113 21.16 17.45 -5.46
CA LEU A 113 21.02 18.70 -4.73
C LEU A 113 20.55 19.79 -5.68
N VAL A 114 19.37 20.35 -5.41
CA VAL A 114 18.84 21.47 -6.17
C VAL A 114 18.93 22.71 -5.28
N THR A 115 19.69 23.70 -5.73
CA THR A 115 19.92 24.93 -4.98
C THR A 115 19.22 26.07 -5.72
N VAL A 116 18.17 26.61 -5.11
CA VAL A 116 17.38 27.68 -5.71
C VAL A 116 17.76 28.99 -5.02
N SER A 117 18.48 29.84 -5.73
CA SER A 117 18.89 31.13 -5.19
C SER A 117 19.08 32.11 -6.35
N SER A 118 18.79 33.38 -6.07
CA SER A 118 18.90 34.42 -7.09
C SER A 118 20.33 34.94 -7.25
N ALA A 119 21.26 34.52 -6.40
CA ALA A 119 22.63 34.99 -6.49
C ALA A 119 23.33 34.37 -7.69
N SER A 120 24.35 35.08 -8.19
CA SER A 120 25.15 34.62 -9.31
C SER A 120 26.40 33.92 -8.81
N THR A 121 27.13 33.32 -9.74
CA THR A 121 28.36 32.62 -9.43
C THR A 121 29.46 33.63 -9.11
N LYS A 122 29.92 33.63 -7.86
CA LYS A 122 30.90 34.59 -7.39
C LYS A 122 32.13 33.88 -6.83
N GLY A 123 33.29 34.49 -7.04
CA GLY A 123 34.52 33.97 -6.50
C GLY A 123 34.68 34.27 -5.02
N PRO A 124 35.35 33.38 -4.30
CA PRO A 124 35.51 33.59 -2.85
C PRO A 124 36.49 34.69 -2.53
N SER A 125 36.29 35.33 -1.38
CA SER A 125 37.22 36.30 -0.83
C SER A 125 37.83 35.70 0.43
N VAL A 126 39.16 35.61 0.46
CA VAL A 126 39.87 34.91 1.53
C VAL A 126 40.62 35.94 2.37
N PHE A 127 40.41 35.89 3.68
CA PHE A 127 41.06 36.80 4.61
C PHE A 127 41.77 36.00 5.70
N PRO A 128 42.90 36.50 6.19
CA PRO A 128 43.61 35.80 7.26
C PRO A 128 43.02 36.09 8.63
N LEU A 129 43.25 35.16 9.55
CA LEU A 129 42.77 35.23 10.93
C LEU A 129 43.94 34.90 11.83
N ALA A 130 44.57 35.92 12.41
CA ALA A 130 45.72 35.78 13.28
C ALA A 130 45.47 36.55 14.57
N PRO A 131 45.97 36.05 15.70
CA PRO A 131 45.75 36.74 16.98
C PRO A 131 46.48 38.07 17.05
N CYS A 132 45.94 38.95 17.89
CA CYS A 132 46.49 40.30 18.03
C CYS A 132 47.86 40.26 18.71
N SER A 133 47.97 39.52 19.81
CA SER A 133 49.22 39.40 20.56
C SER A 133 49.33 37.95 21.06
N ARG A 134 50.09 37.14 20.33
CA ARG A 134 50.24 35.73 20.65
C ARG A 134 51.45 35.52 21.56
N SER A 135 51.71 34.25 21.88
CA SER A 135 52.90 33.81 22.63
C SER A 135 52.92 34.38 24.04
N THR A 136 51.74 34.53 24.64
CA THR A 136 51.64 34.83 26.08
C THR A 136 51.40 33.51 26.80
N SER A 137 52.46 32.71 26.84
CA SER A 137 52.48 31.30 27.26
C SER A 137 51.43 30.55 26.43
N GLU A 138 50.89 29.45 26.99
CA GLU A 138 49.73 28.75 26.45
C GLU A 138 49.94 28.30 25.00
N SER A 139 50.87 27.37 24.84
CA SER A 139 51.29 26.97 23.49
C SER A 139 50.23 26.11 22.79
N THR A 140 49.07 26.71 22.54
CA THR A 140 47.99 26.08 21.79
C THR A 140 47.42 27.15 20.83
N ALA A 141 48.31 27.78 20.07
CA ALA A 141 47.94 28.89 19.21
C ALA A 141 47.03 28.43 18.08
N ALA A 142 46.21 29.35 17.59
CA ALA A 142 45.24 29.05 16.54
C ALA A 142 45.34 30.09 15.43
N LEU A 143 45.28 29.62 14.19
CA LEU A 143 45.27 30.48 13.01
C LEU A 143 44.08 30.11 12.15
N GLY A 144 43.74 30.97 11.19
CA GLY A 144 42.58 30.65 10.37
C GLY A 144 42.54 31.39 9.06
N CYS A 145 41.68 30.90 8.17
CA CYS A 145 41.34 31.58 6.93
C CYS A 145 39.83 31.68 6.83
N LEU A 146 39.33 32.89 6.62
CA LEU A 146 37.90 33.15 6.47
C LEU A 146 37.58 33.29 4.99
N VAL A 147 36.73 32.41 4.48
CA VAL A 147 36.25 32.47 3.10
C VAL A 147 34.86 33.09 3.13
N LYS A 148 34.67 34.16 2.36
CA LYS A 148 33.45 34.93 2.42
C LYS A 148 32.97 35.28 1.02
N ASP A 149 31.65 35.40 0.87
CA ASP A 149 31.01 35.97 -0.32
C ASP A 149 31.33 35.15 -1.58
N TYR A 150 30.93 33.88 -1.54
CA TYR A 150 31.09 32.99 -2.67
C TYR A 150 29.76 32.31 -2.97
N PHE A 151 29.64 31.83 -4.22
CA PHE A 151 28.47 31.09 -4.66
C PHE A 151 28.85 30.31 -5.91
N PRO A 152 28.44 29.05 -6.04
CA PRO A 152 27.71 28.23 -5.08
C PRO A 152 28.60 27.27 -4.29
N GLU A 153 27.99 26.35 -3.55
CA GLU A 153 28.72 25.31 -2.85
C GLU A 153 29.36 24.34 -3.86
N PRO A 154 30.47 23.68 -3.49
CA PRO A 154 31.25 23.80 -2.25
C PRO A 154 32.62 24.45 -2.43
N VAL A 155 33.33 24.67 -1.31
CA VAL A 155 34.71 25.12 -1.31
C VAL A 155 35.52 24.20 -0.41
N THR A 156 36.62 23.67 -0.93
CA THR A 156 37.55 22.85 -0.15
C THR A 156 38.76 23.71 0.20
N VAL A 157 39.06 23.81 1.49
CA VAL A 157 40.18 24.59 1.99
C VAL A 157 41.18 23.63 2.62
N SER A 158 42.42 23.67 2.16
CA SER A 158 43.46 22.79 2.68
C SER A 158 44.65 23.60 3.15
N TRP A 159 45.14 23.31 4.35
CA TRP A 159 46.29 24.02 4.90
C TRP A 159 47.56 23.36 4.39
N ASN A 160 48.23 24.01 3.43
CA ASN A 160 49.44 23.59 2.71
C ASN A 160 49.22 22.36 1.83
N SER A 161 48.01 21.77 1.84
CA SER A 161 47.53 20.75 0.92
C SER A 161 48.20 19.39 1.10
N GLY A 162 49.26 19.31 1.89
CA GLY A 162 49.87 18.02 2.19
C GLY A 162 50.46 17.89 3.57
N ALA A 163 50.39 18.94 4.39
CA ALA A 163 51.14 18.98 5.64
C ALA A 163 50.25 19.03 6.87
N LEU A 164 49.37 20.02 6.97
CA LEU A 164 48.62 20.26 8.20
C LEU A 164 47.31 19.49 8.18
N THR A 165 47.20 18.50 9.07
CA THR A 165 45.98 17.72 9.21
C THR A 165 45.58 17.69 10.68
N SER A 166 46.57 17.73 11.57
CA SER A 166 46.32 17.67 13.01
C SER A 166 45.69 18.98 13.47
N GLY A 167 44.50 18.89 14.04
CA GLY A 167 43.80 20.06 14.55
C GLY A 167 43.33 21.03 13.50
N VAL A 168 42.85 20.52 12.37
CA VAL A 168 42.30 21.36 11.30
C VAL A 168 40.78 21.20 11.31
N HIS A 169 40.08 22.31 11.52
CA HIS A 169 38.62 22.32 11.56
C HIS A 169 38.09 23.21 10.46
N THR A 170 37.30 22.64 9.56
CA THR A 170 36.62 23.38 8.51
C THR A 170 35.13 23.40 8.83
N PHE A 171 34.63 24.56 9.23
CA PHE A 171 33.24 24.72 9.64
C PHE A 171 32.30 24.69 8.44
N PRO A 172 31.07 24.21 8.63
CA PRO A 172 30.08 24.28 7.55
C PRO A 172 29.72 25.72 7.21
N ALA A 173 29.40 25.96 5.95
CA ALA A 173 29.08 27.29 5.47
C ALA A 173 27.68 27.70 5.91
N VAL A 174 27.51 28.99 6.18
CA VAL A 174 26.23 29.58 6.56
C VAL A 174 25.79 30.54 5.46
N LEU A 175 24.56 30.36 4.99
CA LEU A 175 24.00 31.25 3.98
C LEU A 175 23.70 32.61 4.60
N GLN A 176 24.38 33.65 4.12
CA GLN A 176 24.18 34.99 4.64
C GLN A 176 22.90 35.61 4.08
N SER A 177 22.55 36.80 4.58
CA SER A 177 21.40 37.52 4.07
C SER A 177 21.65 38.10 2.68
N SER A 178 22.91 38.21 2.27
CA SER A 178 23.24 38.70 0.93
C SER A 178 23.06 37.64 -0.15
N GLY A 179 22.78 36.39 0.21
CA GLY A 179 22.63 35.32 -0.74
C GLY A 179 23.88 34.51 -1.00
N LEU A 180 25.03 34.96 -0.50
CA LEU A 180 26.28 34.24 -0.67
C LEU A 180 26.64 33.48 0.60
N TYR A 181 27.68 32.67 0.51
CA TYR A 181 28.08 31.79 1.60
C TYR A 181 29.41 32.23 2.20
N SER A 182 29.67 31.75 3.42
CA SER A 182 30.92 32.04 4.11
C SER A 182 31.20 30.94 5.11
N LEU A 183 32.47 30.60 5.25
CA LEU A 183 32.92 29.62 6.22
C LEU A 183 34.30 30.03 6.74
N SER A 184 34.80 29.28 7.71
CA SER A 184 36.13 29.49 8.26
C SER A 184 36.85 28.16 8.37
N SER A 185 38.16 28.20 8.18
CA SER A 185 39.01 27.03 8.34
C SER A 185 40.13 27.38 9.31
N VAL A 186 40.13 26.72 10.46
CA VAL A 186 41.08 27.04 11.53
C VAL A 186 42.04 25.87 11.73
N VAL A 187 43.22 26.20 12.22
CA VAL A 187 44.26 25.21 12.51
C VAL A 187 44.87 25.54 13.87
N THR A 188 45.22 24.49 14.61
CA THR A 188 45.83 24.62 15.93
C THR A 188 47.29 24.17 15.84
N VAL A 189 48.20 25.10 16.12
CA VAL A 189 49.63 24.83 16.10
C VAL A 189 50.24 25.30 17.42
N PRO A 190 51.37 24.74 17.85
CA PRO A 190 52.04 25.27 19.05
C PRO A 190 52.54 26.69 18.83
N SER A 191 52.66 27.42 19.93
CA SER A 191 53.04 28.83 19.89
C SER A 191 54.48 29.04 19.43
N SER A 192 55.31 28.00 19.42
CA SER A 192 56.65 28.10 18.86
C SER A 192 56.71 27.72 17.39
N SER A 193 55.63 27.15 16.84
CA SER A 193 55.65 26.73 15.44
C SER A 193 55.55 27.93 14.49
N LEU A 194 54.66 28.87 14.78
CA LEU A 194 54.54 30.05 13.93
C LEU A 194 55.73 30.98 14.15
N GLY A 195 56.18 31.61 13.05
CA GLY A 195 57.42 32.35 13.03
C GLY A 195 58.58 31.60 12.42
N THR A 196 58.48 30.27 12.34
CA THR A 196 59.47 29.44 11.66
C THR A 196 58.88 28.58 10.57
N LYS A 197 57.56 28.51 10.46
CA LYS A 197 56.88 27.70 9.46
C LYS A 197 55.83 28.54 8.75
N THR A 198 55.78 28.42 7.42
CA THR A 198 54.79 29.15 6.64
C THR A 198 53.44 28.45 6.70
N TYR A 199 52.38 29.22 6.46
CA TYR A 199 51.02 28.71 6.50
C TYR A 199 50.23 29.33 5.34
N THR A 200 49.63 28.47 4.52
CA THR A 200 48.82 28.93 3.39
C THR A 200 47.54 28.11 3.34
N CYS A 201 46.48 28.72 2.81
CA CYS A 201 45.18 28.08 2.65
C CYS A 201 44.91 27.93 1.16
N ASN A 202 45.07 26.71 0.64
CA ASN A 202 44.66 26.39 -0.72
C ASN A 202 43.14 26.38 -0.78
N VAL A 203 42.59 27.33 -1.53
CA VAL A 203 41.15 27.48 -1.72
C VAL A 203 40.82 27.07 -3.15
N ASP A 204 39.87 26.16 -3.30
CA ASP A 204 39.68 25.43 -4.55
C ASP A 204 38.20 25.48 -4.97
N HIS A 205 37.65 26.69 -5.05
CA HIS A 205 36.29 26.87 -5.55
C HIS A 205 36.19 26.41 -7.00
N LYS A 206 35.45 25.31 -7.21
CA LYS A 206 35.37 24.73 -8.56
C LYS A 206 34.51 25.53 -9.54
N PRO A 207 33.29 25.98 -9.21
CA PRO A 207 32.50 26.69 -10.23
C PRO A 207 33.04 28.04 -10.65
N SER A 208 34.05 28.58 -9.96
CA SER A 208 34.67 29.84 -10.36
C SER A 208 36.12 29.70 -10.79
N ASN A 209 36.74 28.53 -10.60
CA ASN A 209 38.14 28.27 -10.94
C ASN A 209 39.07 29.28 -10.26
N THR A 210 38.86 29.47 -8.96
CA THR A 210 39.55 30.51 -8.19
C THR A 210 40.48 29.85 -7.18
N LYS A 211 41.76 30.19 -7.25
CA LYS A 211 42.76 29.81 -6.25
C LYS A 211 43.39 31.08 -5.70
N VAL A 212 43.45 31.19 -4.38
CA VAL A 212 43.92 32.40 -3.70
C VAL A 212 45.26 32.18 -3.02
N ASP A 213 45.37 31.10 -2.22
CA ASP A 213 46.59 30.74 -1.49
C ASP A 213 47.06 31.86 -0.56
N LYS A 214 46.14 32.33 0.28
CA LYS A 214 46.44 33.41 1.21
C LYS A 214 47.33 32.90 2.35
N ARG A 215 48.34 33.69 2.69
CA ARG A 215 49.30 33.33 3.73
C ARG A 215 48.94 34.08 5.02
N VAL A 216 48.92 33.36 6.13
CA VAL A 216 48.48 33.90 7.42
C VAL A 216 49.69 34.09 8.32
N GLU A 217 49.86 35.31 8.82
CA GLU A 217 50.84 35.60 9.86
C GLU A 217 50.36 36.81 10.65
N SER A 218 50.91 36.96 11.85
CA SER A 218 50.47 38.01 12.77
C SER A 218 51.06 39.34 12.33
N LYS A 219 50.22 40.15 11.68
CA LYS A 219 50.52 41.51 11.21
C LYS A 219 51.68 41.36 10.19
N TYR A 220 52.61 42.32 10.14
CA TYR A 220 53.82 42.31 9.32
C TYR A 220 53.41 42.26 7.84
N GLY A 221 54.24 41.64 7.00
CA GLY A 221 53.98 41.57 5.58
C GLY A 221 52.89 40.59 5.16
N ASP B 1 -3.28 14.49 7.34
CA ASP B 1 -2.13 13.60 7.36
C ASP B 1 -1.97 12.94 8.73
N ILE B 2 -0.98 12.07 8.84
CA ILE B 2 -0.68 11.36 10.09
C ILE B 2 0.65 11.88 10.61
N GLN B 3 0.62 12.51 11.78
CA GLN B 3 1.85 13.02 12.39
C GLN B 3 2.59 11.91 13.11
N MET B 4 3.91 11.88 12.93
CA MET B 4 4.75 10.79 13.40
C MET B 4 5.87 11.40 14.23
N THR B 5 5.77 11.31 15.55
CA THR B 5 6.63 12.03 16.47
C THR B 5 7.67 11.08 17.07
N GLN B 6 8.94 11.50 17.02
CA GLN B 6 10.04 10.73 17.58
C GLN B 6 10.42 11.25 18.96
N SER B 7 10.96 10.36 19.79
CA SER B 7 11.43 10.72 21.11
C SER B 7 12.62 9.83 21.47
N PRO B 8 13.73 10.41 21.93
CA PRO B 8 14.00 11.85 22.02
C PRO B 8 14.55 12.41 20.72
N SER B 9 14.72 13.73 20.63
CA SER B 9 15.28 14.33 19.43
C SER B 9 16.75 13.97 19.25
N SER B 10 17.48 13.83 20.36
CA SER B 10 18.89 13.46 20.31
C SER B 10 19.28 12.88 21.67
N LEU B 11 20.00 11.76 21.65
CA LEU B 11 20.51 11.15 22.87
C LEU B 11 21.97 10.77 22.66
N SER B 12 22.71 10.70 23.76
CA SER B 12 24.13 10.36 23.73
C SER B 12 24.37 9.02 24.41
N ALA B 13 25.27 8.23 23.84
CA ALA B 13 25.60 6.92 24.40
C ALA B 13 27.02 6.56 23.94
N SER B 14 27.50 5.41 24.40
CA SER B 14 28.84 4.93 24.12
C SER B 14 28.76 3.61 23.36
N VAL B 15 29.94 3.10 22.99
CA VAL B 15 30.02 1.85 22.24
C VAL B 15 29.71 0.68 23.17
N GLY B 16 28.77 -0.17 22.76
CA GLY B 16 28.33 -1.28 23.57
C GLY B 16 27.09 -1.02 24.39
N ASP B 17 26.61 0.23 24.42
CA ASP B 17 25.42 0.58 25.16
C ASP B 17 24.17 0.20 24.37
N ARG B 18 23.06 0.03 25.08
CA ARG B 18 21.77 -0.30 24.48
C ARG B 18 20.88 0.94 24.50
N VAL B 19 20.32 1.28 23.35
CA VAL B 19 19.53 2.49 23.20
C VAL B 19 18.17 2.16 22.61
N THR B 20 17.20 3.03 22.89
CA THR B 20 15.82 2.84 22.49
C THR B 20 15.25 4.16 21.97
N ILE B 21 14.68 4.12 20.77
CA ILE B 21 14.04 5.28 20.14
C ILE B 21 12.57 4.98 20.00
N THR B 22 11.72 5.90 20.44
CA THR B 22 10.27 5.69 20.46
C THR B 22 9.61 6.54 19.39
N CYS B 23 8.72 5.93 18.61
CA CYS B 23 7.94 6.63 17.60
C CYS B 23 6.46 6.49 17.90
N LYS B 24 5.74 7.60 17.82
CA LYS B 24 4.33 7.66 18.16
C LYS B 24 3.55 8.20 16.98
N ALA B 25 2.46 7.52 16.63
CA ALA B 25 1.62 7.90 15.51
C ALA B 25 0.33 8.56 16.02
N SER B 26 -0.10 9.60 15.31
CA SER B 26 -1.34 10.28 15.68
C SER B 26 -2.56 9.38 15.46
N GLN B 27 -2.57 8.64 14.36
CA GLN B 27 -3.65 7.71 14.05
C GLN B 27 -3.14 6.28 14.11
N ASN B 28 -4.08 5.33 14.06
CA ASN B 28 -3.74 3.91 14.09
C ASN B 28 -3.17 3.51 12.73
N VAL B 29 -1.90 3.13 12.71
CA VAL B 29 -1.21 2.75 11.49
C VAL B 29 -0.88 1.27 11.46
N ALA B 30 -1.53 0.48 12.33
CA ALA B 30 -1.33 -0.96 12.47
C ALA B 30 0.13 -1.31 12.73
N THR B 31 0.76 -2.01 11.79
CA THR B 31 2.19 -2.33 11.87
C THR B 31 2.96 -1.82 10.65
N HIS B 32 2.39 -0.86 9.92
CA HIS B 32 2.99 -0.37 8.67
C HIS B 32 3.98 0.75 8.97
N VAL B 33 5.04 0.39 9.70
CA VAL B 33 6.08 1.34 10.10
C VAL B 33 7.43 0.77 9.72
N GLY B 34 8.24 1.58 9.03
CA GLY B 34 9.62 1.26 8.76
C GLY B 34 10.58 2.19 9.48
N TRP B 35 11.82 1.73 9.64
CA TRP B 35 12.88 2.49 10.27
C TRP B 35 14.06 2.59 9.31
N TYR B 36 14.60 3.80 9.16
CA TYR B 36 15.70 4.08 8.26
C TYR B 36 16.84 4.75 9.02
N GLN B 37 18.06 4.55 8.52
CA GLN B 37 19.26 5.16 9.07
C GLN B 37 19.93 6.00 8.00
N GLN B 38 20.24 7.26 8.34
CA GLN B 38 20.89 8.19 7.44
C GLN B 38 22.13 8.78 8.10
N LYS B 39 23.24 8.76 7.37
CA LYS B 39 24.54 9.35 7.63
C LYS B 39 24.63 10.72 6.96
N PRO B 40 25.47 11.63 7.47
CA PRO B 40 25.59 12.97 6.84
C PRO B 40 26.18 12.88 5.45
N GLY B 41 25.45 13.40 4.47
CA GLY B 41 25.88 13.41 3.10
C GLY B 41 25.49 12.21 2.26
N LYS B 42 24.85 11.21 2.86
CA LYS B 42 24.46 9.99 2.16
C LYS B 42 22.96 9.79 2.24
N ALA B 43 22.47 8.93 1.35
CA ALA B 43 21.05 8.58 1.30
C ALA B 43 20.66 7.75 2.52
N PRO B 44 19.39 7.78 2.90
CA PRO B 44 18.92 6.91 3.99
C PRO B 44 19.08 5.43 3.64
N LYS B 45 19.40 4.64 4.66
CA LYS B 45 19.60 3.21 4.50
C LYS B 45 18.47 2.46 5.20
N ARG B 46 18.00 1.39 4.56
CA ARG B 46 16.92 0.60 5.13
C ARG B 46 17.39 -0.15 6.38
N LEU B 47 16.57 -0.11 7.42
CA LEU B 47 16.77 -0.97 8.60
C LEU B 47 15.60 -1.90 8.85
N ILE B 48 14.39 -1.36 8.99
CA ILE B 48 13.23 -2.14 9.47
C ILE B 48 12.05 -1.88 8.54
N TYR B 49 11.33 -2.94 8.18
CA TYR B 49 10.02 -2.82 7.56
C TYR B 49 9.01 -3.62 8.36
N SER B 50 7.74 -3.20 8.29
CA SER B 50 6.62 -3.83 8.98
C SER B 50 6.82 -3.85 10.50
N ALA B 51 7.65 -2.93 11.02
CA ALA B 51 7.79 -2.60 12.44
C ALA B 51 8.43 -3.70 13.27
N SER B 52 8.79 -4.83 12.64
CA SER B 52 9.48 -5.90 13.35
C SER B 52 10.38 -6.76 12.46
N TYR B 53 10.48 -6.46 11.16
CA TYR B 53 11.21 -7.30 10.22
C TYR B 53 12.47 -6.59 9.77
N ARG B 54 13.53 -7.36 9.60
CA ARG B 54 14.82 -6.82 9.17
C ARG B 54 15.06 -7.14 7.70
N TYR B 55 15.63 -6.18 6.99
CA TYR B 55 16.02 -6.41 5.61
C TYR B 55 17.25 -7.32 5.55
N SER B 56 17.53 -7.84 4.36
CA SER B 56 18.73 -8.62 4.15
C SER B 56 19.96 -7.71 4.23
N GLY B 57 20.98 -8.18 4.93
CA GLY B 57 22.18 -7.40 5.16
C GLY B 57 22.12 -6.46 6.33
N VAL B 58 21.01 -6.43 7.06
CA VAL B 58 20.86 -5.59 8.25
C VAL B 58 21.35 -6.39 9.46
N PRO B 59 22.24 -5.83 10.28
CA PRO B 59 22.72 -6.56 11.46
C PRO B 59 21.61 -6.83 12.47
N SER B 60 21.78 -7.91 13.23
CA SER B 60 20.79 -8.35 14.21
C SER B 60 20.71 -7.44 15.43
N ARG B 61 21.63 -6.47 15.56
CA ARG B 61 21.58 -5.55 16.68
C ARG B 61 20.31 -4.70 16.65
N PHE B 62 19.92 -4.24 15.46
CA PHE B 62 18.70 -3.46 15.32
C PHE B 62 17.48 -4.35 15.48
N SER B 63 16.55 -3.94 16.34
CA SER B 63 15.33 -4.70 16.58
C SER B 63 14.14 -3.76 16.66
N GLY B 64 13.12 -4.02 15.84
CA GLY B 64 11.90 -3.25 15.87
C GLY B 64 10.81 -3.95 16.65
N SER B 65 9.93 -3.16 17.26
CA SER B 65 8.83 -3.71 18.03
C SER B 65 7.72 -2.66 18.10
N GLY B 66 6.54 -3.11 18.51
CA GLY B 66 5.42 -2.23 18.74
C GLY B 66 4.31 -2.44 17.73
N SER B 67 3.20 -1.74 18.00
CA SER B 67 2.00 -1.82 17.17
C SER B 67 1.14 -0.61 17.45
N GLY B 68 0.06 -0.49 16.69
CA GLY B 68 -0.92 0.56 16.88
C GLY B 68 -0.36 1.96 16.67
N THR B 69 -0.21 2.69 17.78
CA THR B 69 0.38 4.03 17.75
C THR B 69 1.69 4.11 18.53
N GLU B 70 2.27 2.97 18.88
CA GLU B 70 3.47 2.93 19.73
C GLU B 70 4.48 1.99 19.10
N PHE B 71 5.64 2.52 18.71
CA PHE B 71 6.66 1.73 18.03
C PHE B 71 8.03 2.06 18.64
N THR B 72 8.94 1.10 18.55
CA THR B 72 10.21 1.18 19.26
C THR B 72 11.32 0.54 18.44
N LEU B 73 12.42 1.27 18.24
CA LEU B 73 13.63 0.74 17.63
C LEU B 73 14.69 0.62 18.72
N THR B 74 15.24 -0.58 18.90
CA THR B 74 16.20 -0.85 19.95
C THR B 74 17.50 -1.33 19.33
N ILE B 75 18.61 -0.70 19.72
CA ILE B 75 19.95 -1.13 19.34
C ILE B 75 20.62 -1.69 20.59
N SER B 76 21.01 -2.96 20.52
CA SER B 76 21.51 -3.66 21.71
C SER B 76 23.00 -3.36 21.93
N ASN B 77 23.84 -3.71 20.96
CA ASN B 77 25.28 -3.53 21.07
C ASN B 77 25.69 -2.42 20.11
N LEU B 78 25.92 -1.23 20.66
CA LEU B 78 26.28 -0.09 19.83
C LEU B 78 27.67 -0.24 19.24
N GLN B 79 27.83 0.22 18.00
CA GLN B 79 29.06 0.15 17.23
C GLN B 79 29.41 1.53 16.73
N PRO B 80 30.69 1.79 16.42
CA PRO B 80 31.07 3.11 15.90
C PRO B 80 30.39 3.48 14.58
N GLU B 81 30.00 2.50 13.77
CA GLU B 81 29.31 2.78 12.52
C GLU B 81 27.80 2.90 12.69
N ASP B 82 27.28 2.75 13.90
CA ASP B 82 25.86 2.86 14.16
C ASP B 82 25.43 4.28 14.53
N PHE B 83 26.37 5.20 14.69
CA PHE B 83 26.06 6.56 15.12
C PHE B 83 25.60 7.37 13.91
N ALA B 84 24.29 7.59 13.83
CA ALA B 84 23.69 8.28 12.68
C ALA B 84 22.32 8.79 13.10
N THR B 85 21.53 9.24 12.13
CA THR B 85 20.19 9.76 12.37
C THR B 85 19.16 8.70 11.97
N TYR B 86 18.19 8.44 12.85
CA TYR B 86 17.22 7.39 12.66
C TYR B 86 15.83 7.99 12.46
N TYR B 87 15.13 7.50 11.44
CA TYR B 87 13.80 7.99 11.08
C TYR B 87 12.78 6.86 11.14
N CYS B 88 11.60 7.17 11.68
CA CYS B 88 10.45 6.26 11.60
C CYS B 88 9.48 6.80 10.55
N GLN B 89 8.96 5.89 9.73
CA GLN B 89 8.10 6.23 8.61
C GLN B 89 6.88 5.31 8.63
N GLN B 90 5.72 5.86 8.24
CA GLN B 90 4.50 5.07 8.15
C GLN B 90 4.04 4.97 6.70
N TYR B 91 3.53 3.80 6.34
CA TYR B 91 2.99 3.58 4.99
C TYR B 91 1.63 2.90 5.06
N ASN B 92 0.87 3.15 6.12
CA ASN B 92 -0.49 2.64 6.21
C ASN B 92 -1.39 3.30 5.16
N ARG B 93 -1.23 4.60 4.96
CA ARG B 93 -2.04 5.32 3.98
C ARG B 93 -1.22 6.48 3.42
N TYR B 94 -1.62 6.94 2.24
CA TYR B 94 -0.99 8.09 1.63
C TYR B 94 -1.53 9.38 2.26
N PRO B 95 -0.69 10.43 2.38
CA PRO B 95 0.73 10.54 2.01
C PRO B 95 1.67 9.90 3.02
N TYR B 96 2.88 9.55 2.59
CA TYR B 96 3.89 9.04 3.53
C TYR B 96 4.41 10.18 4.40
N THR B 97 4.56 9.89 5.70
CA THR B 97 5.08 10.87 6.64
C THR B 97 6.22 10.25 7.43
N PHE B 98 7.28 11.02 7.61
CA PHE B 98 8.46 10.63 8.36
C PHE B 98 8.47 11.31 9.72
N GLY B 99 9.33 10.80 10.61
CA GLY B 99 9.59 11.48 11.86
C GLY B 99 10.57 12.63 11.67
N GLN B 100 10.74 13.40 12.75
CA GLN B 100 11.68 14.53 12.69
C GLN B 100 13.13 14.09 12.74
N GLY B 101 13.39 12.85 13.18
CA GLY B 101 14.75 12.33 13.20
C GLY B 101 15.38 12.36 14.58
N THR B 102 15.95 11.24 15.00
CA THR B 102 16.67 11.14 16.26
C THR B 102 18.16 10.99 15.95
N LYS B 103 18.96 11.95 16.40
CA LYS B 103 20.39 11.94 16.15
C LYS B 103 21.10 11.18 17.27
N LEU B 104 21.93 10.21 16.88
CA LEU B 104 22.68 9.39 17.81
C LEU B 104 24.11 9.91 17.91
N GLU B 105 24.55 10.17 19.14
CA GLU B 105 25.83 10.83 19.37
C GLU B 105 26.68 10.00 20.32
N ILE B 106 27.99 10.19 20.22
CA ILE B 106 28.96 9.48 21.06
C ILE B 106 29.09 10.21 22.39
N LYS B 107 28.91 9.49 23.48
CA LYS B 107 29.04 10.05 24.81
C LYS B 107 30.47 9.90 25.32
N ARG B 108 30.97 10.96 25.97
CA ARG B 108 32.31 10.96 26.54
C ARG B 108 32.35 11.90 27.73
N THR B 109 33.54 12.09 28.27
CA THR B 109 33.71 13.01 29.39
C THR B 109 33.60 14.46 28.93
N VAL B 110 33.23 15.33 29.87
CA VAL B 110 33.04 16.74 29.54
C VAL B 110 34.40 17.41 29.41
N ALA B 111 34.61 18.09 28.28
CA ALA B 111 35.88 18.76 27.99
C ALA B 111 35.66 20.25 27.83
N ALA B 112 36.54 21.04 28.46
CA ALA B 112 36.46 22.49 28.40
C ALA B 112 36.91 22.99 27.04
N PRO B 113 36.27 24.03 26.50
CA PRO B 113 36.68 24.57 25.21
C PRO B 113 37.92 25.45 25.30
N SER B 114 38.64 25.52 24.18
CA SER B 114 39.74 26.46 24.01
C SER B 114 39.23 27.64 23.20
N VAL B 115 39.34 28.85 23.76
CA VAL B 115 38.67 30.02 23.26
C VAL B 115 39.70 30.99 22.70
N PHE B 116 39.51 31.41 21.45
CA PHE B 116 40.38 32.39 20.82
C PHE B 116 39.53 33.39 20.04
N ILE B 117 40.12 34.54 19.76
CA ILE B 117 39.44 35.61 19.05
C ILE B 117 40.35 36.14 17.94
N PHE B 118 39.76 36.47 16.79
CA PHE B 118 40.49 36.95 15.63
C PHE B 118 39.87 38.27 15.16
N PRO B 119 40.68 39.30 14.96
CA PRO B 119 40.17 40.58 14.49
C PRO B 119 39.91 40.55 13.00
N PRO B 120 39.16 41.53 12.47
CA PRO B 120 39.07 41.67 11.02
C PRO B 120 40.42 42.03 10.41
N SER B 121 40.70 41.45 9.25
CA SER B 121 41.93 41.79 8.53
C SER B 121 41.80 43.17 7.88
N ASP B 122 42.96 43.79 7.64
CA ASP B 122 42.94 45.12 7.03
C ASP B 122 42.55 45.08 5.56
N GLU B 123 42.77 43.94 4.88
CA GLU B 123 42.27 43.81 3.51
C GLU B 123 40.74 43.81 3.50
N GLN B 124 40.13 43.12 4.47
CA GLN B 124 38.67 43.13 4.58
C GLN B 124 38.15 44.51 4.93
N LEU B 125 38.88 45.24 5.78
CA LEU B 125 38.52 46.61 6.10
C LEU B 125 38.62 47.51 4.87
N LYS B 126 39.60 47.28 4.00
CA LYS B 126 39.65 47.99 2.73
C LYS B 126 38.52 47.58 1.80
N SER B 127 38.02 46.35 1.94
CA SER B 127 36.89 45.93 1.11
C SER B 127 35.61 46.66 1.51
N GLY B 128 35.44 46.92 2.81
CA GLY B 128 34.27 47.68 3.25
C GLY B 128 33.63 47.20 4.53
N THR B 129 33.74 45.92 4.84
CA THR B 129 33.10 45.33 6.02
C THR B 129 34.16 44.82 7.00
N ALA B 130 33.70 44.43 8.18
CA ALA B 130 34.59 43.91 9.21
C ALA B 130 33.92 42.70 9.87
N SER B 131 34.72 41.66 10.13
CA SER B 131 34.23 40.42 10.72
C SER B 131 35.16 40.01 11.85
N VAL B 132 34.60 39.88 13.06
CA VAL B 132 35.32 39.41 14.23
C VAL B 132 34.95 37.96 14.48
N VAL B 133 35.95 37.11 14.70
CA VAL B 133 35.75 35.66 14.75
C VAL B 133 36.05 35.17 16.15
N CYS B 134 35.17 34.34 16.70
CA CYS B 134 35.36 33.70 17.99
C CYS B 134 35.42 32.20 17.77
N LEU B 135 36.53 31.58 18.15
CA LEU B 135 36.78 30.16 17.90
C LEU B 135 36.77 29.38 19.20
N LEU B 136 36.02 28.28 19.21
CA LEU B 136 35.93 27.35 20.32
C LEU B 136 36.40 25.98 19.80
N ASN B 137 37.58 25.55 20.19
CA ASN B 137 38.08 24.24 19.83
C ASN B 137 37.47 23.18 20.75
N ASN B 138 38.06 21.98 20.73
CA ASN B 138 37.45 20.72 21.18
C ASN B 138 36.76 20.82 22.53
N PHE B 139 35.45 20.59 22.52
CA PHE B 139 34.64 20.69 23.74
C PHE B 139 33.49 19.70 23.65
N TYR B 140 32.92 19.39 24.81
CA TYR B 140 31.78 18.47 24.94
C TYR B 140 31.05 18.80 26.24
N PRO B 141 29.71 18.89 26.22
CA PRO B 141 28.77 18.70 25.11
C PRO B 141 28.63 19.89 24.16
N ARG B 142 27.76 19.73 23.16
CA ARG B 142 27.59 20.72 22.10
C ARG B 142 27.03 22.04 22.63
N GLU B 143 26.25 22.00 23.70
CA GLU B 143 25.57 23.18 24.20
C GLU B 143 26.53 24.16 24.88
N ALA B 144 27.06 25.11 24.12
CA ALA B 144 27.86 26.20 24.65
C ALA B 144 27.21 27.51 24.23
N LYS B 145 27.16 28.48 25.15
CA LYS B 145 26.36 29.68 24.95
C LYS B 145 27.29 30.88 24.89
N VAL B 146 27.23 31.64 23.79
CA VAL B 146 28.22 32.64 23.45
C VAL B 146 27.56 34.01 23.44
N GLN B 147 28.18 34.97 24.14
CA GLN B 147 27.77 36.36 24.13
C GLN B 147 28.82 37.20 23.42
N TRP B 148 28.36 38.13 22.59
CA TRP B 148 29.21 39.09 21.91
C TRP B 148 29.05 40.44 22.63
N LYS B 149 30.05 40.82 23.40
CA LYS B 149 30.01 42.05 24.20
C LYS B 149 31.00 43.05 23.61
N VAL B 150 30.49 44.21 23.22
CA VAL B 150 31.30 45.30 22.69
C VAL B 150 31.06 46.54 23.55
N ASP B 151 32.12 47.04 24.18
CA ASP B 151 32.04 48.12 25.16
C ASP B 151 31.06 47.80 26.27
N ASN B 152 31.08 46.54 26.72
CA ASN B 152 30.19 46.00 27.75
C ASN B 152 28.71 46.18 27.37
N ALA B 153 28.41 46.03 26.09
CA ALA B 153 27.05 46.10 25.57
C ALA B 153 26.76 44.85 24.75
N LEU B 154 25.55 44.32 24.91
CA LEU B 154 25.15 43.08 24.26
C LEU B 154 24.53 43.38 22.89
N GLN B 155 25.11 42.80 21.85
CA GLN B 155 24.58 42.91 20.50
C GLN B 155 23.90 41.61 20.09
N SER B 156 22.79 41.73 19.38
CA SER B 156 22.02 40.58 18.91
C SER B 156 21.62 40.79 17.46
N GLY B 157 21.45 39.69 16.74
CA GLY B 157 21.03 39.73 15.36
C GLY B 157 22.14 39.95 14.35
N ASN B 158 23.39 40.08 14.79
CA ASN B 158 24.52 40.29 13.88
C ASN B 158 25.64 39.28 14.12
N SER B 159 25.28 38.08 14.57
CA SER B 159 26.26 37.02 14.81
C SER B 159 25.73 35.72 14.23
N GLN B 160 26.64 34.95 13.62
CA GLN B 160 26.30 33.66 13.03
C GLN B 160 27.23 32.59 13.59
N GLU B 161 26.67 31.42 13.89
CA GLU B 161 27.40 30.33 14.53
C GLU B 161 27.51 29.14 13.59
N SER B 162 28.72 28.59 13.47
CA SER B 162 28.98 27.38 12.71
C SER B 162 29.52 26.31 13.65
N VAL B 163 28.91 25.13 13.61
CA VAL B 163 29.29 24.01 14.46
C VAL B 163 29.61 22.82 13.58
N THR B 164 30.81 22.25 13.77
CA THR B 164 31.19 21.05 13.05
C THR B 164 30.49 19.83 13.63
N GLU B 165 30.61 18.71 12.93
CA GLU B 165 30.08 17.45 13.43
C GLU B 165 31.01 16.88 14.50
N GLN B 166 30.61 15.76 15.08
CA GLN B 166 31.43 15.10 16.09
C GLN B 166 32.71 14.55 15.46
N ASP B 167 33.84 14.78 16.15
CA ASP B 167 35.13 14.39 15.61
C ASP B 167 35.27 12.88 15.61
N SER B 168 35.98 12.37 14.59
CA SER B 168 36.23 10.94 14.49
C SER B 168 37.37 10.47 15.38
N LYS B 169 38.12 11.39 15.99
CA LYS B 169 39.27 11.03 16.81
C LYS B 169 38.92 11.01 18.29
N ASP B 170 38.40 12.11 18.82
CA ASP B 170 38.11 12.24 20.25
C ASP B 170 36.66 12.59 20.54
N SER B 171 35.80 12.64 19.52
CA SER B 171 34.35 12.90 19.65
C SER B 171 34.08 14.24 20.33
N THR B 172 34.65 15.31 19.78
CA THR B 172 34.49 16.65 20.31
C THR B 172 34.03 17.60 19.22
N TYR B 173 33.35 18.66 19.63
CA TYR B 173 32.80 19.65 18.71
C TYR B 173 33.72 20.86 18.60
N SER B 174 33.38 21.74 17.66
CA SER B 174 34.07 23.01 17.49
C SER B 174 33.05 24.04 17.01
N LEU B 175 33.22 25.28 17.47
CA LEU B 175 32.28 26.35 17.18
C LEU B 175 33.01 27.58 16.67
N SER B 176 32.36 28.29 15.75
CA SER B 176 32.89 29.56 15.24
C SER B 176 31.76 30.57 15.17
N SER B 177 31.90 31.67 15.91
CA SER B 177 30.91 32.74 15.93
C SER B 177 31.49 33.94 15.20
N THR B 178 30.81 34.37 14.13
CA THR B 178 31.25 35.48 13.31
C THR B 178 30.32 36.66 13.51
N LEU B 179 30.91 37.82 13.83
CA LEU B 179 30.17 39.06 13.98
C LEU B 179 30.56 40.00 12.84
N THR B 180 29.55 40.55 12.17
CA THR B 180 29.75 41.38 10.98
C THR B 180 29.30 42.80 11.25
N LEU B 181 30.12 43.77 10.88
CA LEU B 181 29.77 45.19 10.94
C LEU B 181 30.28 45.90 9.70
N SER B 182 29.80 47.12 9.51
CA SER B 182 30.36 48.00 8.50
C SER B 182 31.65 48.64 9.01
N LYS B 183 32.41 49.23 8.08
CA LYS B 183 33.65 49.90 8.45
C LYS B 183 33.37 51.12 9.31
N ALA B 184 32.32 51.87 9.00
CA ALA B 184 31.94 53.01 9.82
C ALA B 184 31.46 52.57 11.20
N ASP B 185 30.78 51.43 11.28
CA ASP B 185 30.37 50.88 12.56
C ASP B 185 31.54 50.29 13.32
N TYR B 186 32.48 49.65 12.61
CA TYR B 186 33.67 49.09 13.27
C TYR B 186 34.57 50.18 13.83
N GLU B 187 34.67 51.32 13.14
CA GLU B 187 35.49 52.44 13.60
C GLU B 187 34.64 53.38 14.44
N LYS B 188 34.00 52.80 15.46
CA LYS B 188 33.25 53.55 16.46
C LYS B 188 33.50 53.06 17.88
N HIS B 189 33.88 51.80 18.07
CA HIS B 189 34.09 51.22 19.39
C HIS B 189 35.55 50.89 19.59
N LYS B 190 35.92 50.64 20.86
CA LYS B 190 37.31 50.37 21.20
C LYS B 190 37.52 49.08 21.99
N VAL B 191 36.51 48.53 22.65
CA VAL B 191 36.62 47.27 23.36
C VAL B 191 35.82 46.22 22.61
N TYR B 192 36.46 45.14 22.21
CA TYR B 192 35.82 44.07 21.44
C TYR B 192 36.07 42.75 22.18
N ALA B 193 35.00 42.18 22.73
CA ALA B 193 35.11 41.02 23.60
C ALA B 193 34.19 39.90 23.15
N CYS B 194 34.58 38.67 23.50
CA CYS B 194 33.77 37.47 23.27
C CYS B 194 33.72 36.67 24.55
N GLU B 195 32.51 36.47 25.10
CA GLU B 195 32.32 35.72 26.34
C GLU B 195 31.62 34.42 26.00
N VAL B 196 32.00 33.34 26.67
CA VAL B 196 31.38 32.04 26.45
C VAL B 196 31.15 31.36 27.80
N THR B 197 30.03 30.65 27.92
CA THR B 197 29.73 29.81 29.06
C THR B 197 29.43 28.39 28.60
N HIS B 198 29.77 27.44 29.47
CA HIS B 198 29.71 26.02 29.20
C HIS B 198 29.80 25.30 30.54
N GLN B 199 29.15 24.15 30.64
CA GLN B 199 29.15 23.44 31.93
C GLN B 199 30.32 22.46 32.05
N GLY B 200 31.49 22.97 31.68
CA GLY B 200 32.76 22.32 31.90
C GLY B 200 33.75 23.35 32.38
N LEU B 201 33.25 24.55 32.61
CA LEU B 201 34.02 25.69 33.09
C LEU B 201 33.37 26.23 34.35
N SER B 202 34.21 26.57 35.34
CA SER B 202 33.69 27.10 36.60
C SER B 202 33.03 28.46 36.40
N SER B 203 33.61 29.30 35.56
CA SER B 203 33.07 30.61 35.25
C SER B 203 33.08 30.84 33.75
N PRO B 204 32.13 31.62 33.23
CA PRO B 204 32.17 31.95 31.80
C PRO B 204 33.40 32.80 31.48
N VAL B 205 34.17 32.35 30.49
CA VAL B 205 35.46 32.96 30.18
C VAL B 205 35.29 33.92 29.01
N THR B 206 36.00 35.04 29.06
CA THR B 206 35.95 36.03 28.01
C THR B 206 37.35 36.29 27.46
N LYS B 207 37.40 36.63 26.18
CA LYS B 207 38.63 37.04 25.51
C LYS B 207 38.38 38.38 24.86
N SER B 208 39.27 39.33 25.13
CA SER B 208 39.07 40.72 24.72
C SER B 208 40.27 41.22 23.94
N PHE B 209 40.00 42.13 23.00
CA PHE B 209 41.05 42.89 22.36
C PHE B 209 40.54 44.28 22.01
N ASN B 210 41.49 45.19 21.83
CA ASN B 210 41.25 46.56 21.44
C ASN B 210 42.01 46.85 20.16
N ARG B 211 41.38 47.61 19.26
CA ARG B 211 42.05 47.96 18.02
C ARG B 211 43.19 48.94 18.30
N GLY B 212 44.33 48.72 17.63
CA GLY B 212 45.55 49.44 17.89
C GLY B 212 46.62 48.64 18.60
N GLU B 213 46.25 47.52 19.24
CA GLU B 213 47.19 46.63 19.89
C GLU B 213 47.35 45.32 19.14
N CYS B 214 47.13 45.33 17.83
CA CYS B 214 47.25 44.13 17.02
C CYS B 214 48.30 44.31 15.93
N GLY C 23 -34.34 19.11 1.24
CA GLY C 23 -35.31 20.13 0.85
C GLY C 23 -36.75 19.68 0.98
N PRO C 24 -37.47 19.67 -0.14
CA PRO C 24 -38.88 19.24 -0.10
C PRO C 24 -39.08 17.75 0.04
N TRP C 25 -38.05 16.94 -0.21
CA TRP C 25 -38.19 15.49 -0.08
C TRP C 25 -38.26 15.04 1.38
N GLY C 26 -37.95 15.91 2.32
CA GLY C 26 -38.19 15.60 3.72
C GLY C 26 -39.66 15.57 4.07
N ILE C 27 -39.97 14.82 5.14
CA ILE C 27 -41.28 14.52 5.73
C ILE C 27 -42.31 14.22 4.63
N ILE C 28 -41.85 13.63 3.53
CA ILE C 28 -42.71 13.04 2.51
C ILE C 28 -42.24 11.62 2.26
N LEU C 29 -40.94 11.47 1.97
CA LEU C 29 -40.35 10.15 1.80
C LEU C 29 -40.32 9.41 3.13
N GLU C 30 -40.02 10.11 4.23
CA GLU C 30 -40.01 9.50 5.55
C GLU C 30 -41.41 9.05 5.97
N SER C 31 -42.42 9.89 5.71
CA SER C 31 -43.80 9.52 6.03
C SER C 31 -44.26 8.34 5.18
N LEU C 32 -43.86 8.31 3.91
CA LEU C 32 -44.19 7.18 3.05
C LEU C 32 -43.51 5.90 3.53
N ALA C 33 -42.26 6.00 4.01
CA ALA C 33 -41.56 4.84 4.54
C ALA C 33 -42.23 4.32 5.81
N ILE C 34 -42.64 5.22 6.71
CA ILE C 34 -43.31 4.80 7.94
C ILE C 34 -44.66 4.16 7.62
N LEU C 35 -45.41 4.75 6.69
CA LEU C 35 -46.69 4.17 6.27
C LEU C 35 -46.49 2.81 5.63
N GLY C 36 -45.42 2.66 4.84
CA GLY C 36 -45.13 1.36 4.25
C GLY C 36 -44.77 0.32 5.28
N ILE C 37 -44.04 0.72 6.33
CA ILE C 37 -43.72 -0.19 7.43
C ILE C 37 -45.00 -0.65 8.12
N VAL C 38 -45.90 0.29 8.41
CA VAL C 38 -47.16 -0.06 9.08
C VAL C 38 -47.99 -1.00 8.19
N VAL C 39 -48.08 -0.68 6.90
CA VAL C 39 -48.87 -1.48 5.96
C VAL C 39 -48.27 -2.89 5.83
N THR C 40 -46.95 -3.00 5.77
CA THR C 40 -46.36 -4.33 5.59
C THR C 40 -46.41 -5.14 6.88
N ILE C 41 -46.42 -4.51 8.06
CA ILE C 41 -46.66 -5.27 9.28
C ILE C 41 -48.10 -5.78 9.32
N LEU C 42 -49.06 -4.95 8.90
CA LEU C 42 -50.43 -5.42 8.79
C LEU C 42 -50.57 -6.55 7.76
N LEU C 43 -49.77 -6.49 6.68
CA LEU C 43 -49.80 -7.54 5.67
C LEU C 43 -49.17 -8.83 6.20
N LEU C 44 -48.12 -8.72 7.02
CA LEU C 44 -47.59 -9.89 7.73
C LEU C 44 -48.65 -10.51 8.63
N LEU C 45 -49.39 -9.68 9.37
CA LEU C 45 -50.45 -10.20 10.24
C LEU C 45 -51.54 -10.91 9.44
N ALA C 46 -51.96 -10.30 8.33
CA ALA C 46 -53.01 -10.90 7.50
C ALA C 46 -52.53 -12.21 6.85
N PHE C 47 -51.29 -12.24 6.36
CA PHE C 47 -50.77 -13.45 5.75
C PHE C 47 -50.57 -14.55 6.77
N LEU C 48 -50.13 -14.21 7.99
CA LEU C 48 -50.02 -15.21 9.04
C LEU C 48 -51.38 -15.72 9.47
N PHE C 49 -52.41 -14.87 9.44
CA PHE C 49 -53.76 -15.32 9.74
C PHE C 49 -54.28 -16.28 8.68
N LEU C 50 -54.07 -15.96 7.40
CA LEU C 50 -54.60 -16.80 6.33
C LEU C 50 -53.70 -17.99 6.00
N MET C 51 -52.49 -18.06 6.56
CA MET C 51 -51.63 -19.21 6.35
C MET C 51 -52.18 -20.45 7.03
N ARG C 52 -52.83 -20.29 8.18
CA ARG C 52 -53.41 -21.39 8.94
C ARG C 52 -54.89 -21.61 8.63
N LYS C 53 -55.47 -20.83 7.72
CA LYS C 53 -56.90 -20.91 7.41
C LYS C 53 -57.14 -21.30 5.95
N ILE C 54 -56.27 -22.14 5.39
CA ILE C 54 -56.44 -22.66 4.04
C ILE C 54 -56.22 -24.17 4.07
N GLN C 55 -57.00 -24.90 3.27
CA GLN C 55 -56.88 -26.35 3.17
C GLN C 55 -56.27 -26.82 1.87
N ASP C 56 -56.08 -25.94 0.89
CA ASP C 56 -55.47 -26.32 -0.37
C ASP C 56 -53.97 -26.52 -0.17
N CYS C 57 -53.46 -27.67 -0.65
CA CYS C 57 -52.04 -27.99 -0.53
C CYS C 57 -51.22 -27.46 -1.70
N SER C 58 -51.86 -26.93 -2.74
CA SER C 58 -51.14 -26.37 -3.88
C SER C 58 -50.88 -24.88 -3.71
N GLN C 59 -51.87 -24.14 -3.23
CA GLN C 59 -51.67 -22.71 -3.01
C GLN C 59 -50.83 -22.44 -1.77
N TRP C 60 -50.84 -23.36 -0.80
CA TRP C 60 -50.11 -23.16 0.45
C TRP C 60 -48.60 -23.11 0.25
N ASN C 61 -48.10 -23.76 -0.80
CA ASN C 61 -46.66 -23.95 -0.99
C ASN C 61 -45.90 -22.65 -1.22
N VAL C 62 -46.60 -21.54 -1.50
CA VAL C 62 -45.95 -20.25 -1.64
C VAL C 62 -46.13 -19.34 -0.43
N LEU C 63 -47.00 -19.71 0.52
CA LEU C 63 -47.19 -18.88 1.71
C LEU C 63 -45.94 -18.66 2.55
N PRO C 64 -45.04 -19.64 2.79
CA PRO C 64 -43.81 -19.29 3.53
C PRO C 64 -42.92 -18.27 2.83
N THR C 65 -42.55 -18.54 1.57
CA THR C 65 -41.55 -17.71 0.89
C THR C 65 -42.06 -16.28 0.67
N GLN C 66 -43.35 -16.11 0.41
CA GLN C 66 -43.92 -14.77 0.28
C GLN C 66 -43.79 -13.99 1.59
N LEU C 67 -43.93 -14.70 2.72
CA LEU C 67 -43.65 -14.09 4.02
C LEU C 67 -42.23 -13.54 4.06
N LEU C 68 -41.27 -14.35 3.60
CA LEU C 68 -39.89 -13.87 3.47
C LEU C 68 -39.82 -12.68 2.54
N PHE C 69 -40.57 -12.74 1.43
CA PHE C 69 -40.69 -11.59 0.52
C PHE C 69 -41.17 -10.37 1.29
N LEU C 70 -42.22 -10.54 2.10
CA LEU C 70 -42.71 -9.42 2.91
C LEU C 70 -41.66 -9.02 3.93
N LEU C 71 -40.96 -10.00 4.50
CA LEU C 71 -39.88 -9.70 5.43
C LEU C 71 -38.72 -9.00 4.75
N SER C 72 -38.64 -9.07 3.42
CA SER C 72 -37.66 -8.27 2.71
C SER C 72 -38.17 -6.86 2.46
N VAL C 73 -39.48 -6.73 2.17
CA VAL C 73 -40.03 -5.43 1.79
C VAL C 73 -39.96 -4.46 2.96
N LEU C 74 -40.31 -4.93 4.16
CA LEU C 74 -40.10 -4.16 5.38
C LEU C 74 -38.64 -3.76 5.52
N GLY C 75 -37.73 -4.71 5.26
CA GLY C 75 -36.31 -4.42 5.32
C GLY C 75 -35.88 -3.36 4.32
N LEU C 76 -36.62 -3.24 3.21
CA LEU C 76 -36.36 -2.14 2.29
C LEU C 76 -36.72 -0.80 2.93
N PHE C 77 -37.90 -0.73 3.56
CA PHE C 77 -38.45 0.55 4.00
C PHE C 77 -37.57 1.20 5.07
N GLY C 78 -37.16 0.41 6.07
CA GLY C 78 -36.23 0.92 7.07
C GLY C 78 -34.91 1.33 6.46
N LEU C 79 -34.45 0.60 5.44
CA LEU C 79 -33.24 0.95 4.72
C LEU C 79 -33.37 2.31 4.03
N ALA C 80 -34.60 2.72 3.70
CA ALA C 80 -34.82 4.07 3.17
C ALA C 80 -34.36 5.14 4.16
N PHE C 81 -34.51 4.89 5.46
CA PHE C 81 -33.99 5.81 6.46
C PHE C 81 -32.47 5.96 6.33
N ALA C 82 -31.78 4.87 6.00
CA ALA C 82 -30.34 4.93 5.80
C ALA C 82 -29.97 5.79 4.60
N PHE C 83 -30.90 6.05 3.68
CA PHE C 83 -30.64 6.98 2.60
C PHE C 83 -31.12 8.39 2.91
N ILE C 84 -31.97 8.56 3.93
CA ILE C 84 -32.33 9.90 4.36
C ILE C 84 -31.15 10.58 5.05
N ILE C 85 -30.46 9.85 5.92
CA ILE C 85 -29.24 10.34 6.54
C ILE C 85 -28.13 10.41 5.49
N GLU C 86 -27.16 11.29 5.71
CA GLU C 86 -26.05 11.44 4.78
C GLU C 86 -25.13 10.22 4.82
N LEU C 87 -24.05 10.29 4.03
CA LEU C 87 -23.22 9.11 3.77
C LEU C 87 -22.55 8.59 5.04
N ASN C 88 -21.84 9.47 5.76
CA ASN C 88 -21.15 9.18 7.03
C ASN C 88 -20.19 8.00 6.84
N GLN C 89 -19.97 7.24 7.90
CA GLN C 89 -19.18 6.02 7.85
C GLN C 89 -19.94 4.79 8.33
N GLN C 90 -20.94 4.94 9.20
CA GLN C 90 -21.71 3.82 9.72
C GLN C 90 -22.90 3.46 8.85
N THR C 91 -23.21 4.25 7.83
CA THR C 91 -24.37 4.01 6.98
C THR C 91 -24.04 3.55 5.57
N ALA C 92 -22.86 3.91 5.06
CA ALA C 92 -22.48 3.48 3.71
C ALA C 92 -22.34 1.97 3.55
N PRO C 93 -21.68 1.21 4.47
CA PRO C 93 -21.74 -0.25 4.35
C PRO C 93 -23.15 -0.80 4.45
N VAL C 94 -23.99 -0.18 5.28
CA VAL C 94 -25.38 -0.61 5.42
C VAL C 94 -26.11 -0.46 4.10
N ARG C 95 -25.93 0.68 3.43
CA ARG C 95 -26.53 0.90 2.11
C ARG C 95 -26.02 -0.14 1.11
N TYR C 96 -24.70 -0.18 0.92
CA TYR C 96 -24.09 -0.99 -0.12
C TYR C 96 -24.28 -2.49 0.09
N PHE C 97 -24.60 -2.92 1.31
CA PHE C 97 -24.94 -4.31 1.55
C PHE C 97 -26.44 -4.55 1.40
N LEU C 98 -27.24 -3.81 2.18
CA LEU C 98 -28.66 -4.14 2.33
C LEU C 98 -29.46 -3.85 1.08
N PHE C 99 -29.09 -2.83 0.29
CA PHE C 99 -29.82 -2.55 -0.95
C PHE C 99 -29.80 -3.75 -1.88
N GLY C 100 -28.59 -4.23 -2.19
CA GLY C 100 -28.46 -5.38 -3.07
C GLY C 100 -29.02 -6.64 -2.45
N VAL C 101 -28.79 -6.86 -1.15
CA VAL C 101 -29.23 -8.10 -0.51
C VAL C 101 -30.76 -8.18 -0.50
N LEU C 102 -31.42 -7.09 -0.09
CA LEU C 102 -32.87 -7.12 0.03
C LEU C 102 -33.55 -7.14 -1.32
N PHE C 103 -33.01 -6.41 -2.31
CA PHE C 103 -33.60 -6.49 -3.65
C PHE C 103 -33.39 -7.86 -4.26
N ALA C 104 -32.25 -8.50 -4.00
CA ALA C 104 -32.04 -9.87 -4.46
C ALA C 104 -33.01 -10.84 -3.80
N LEU C 105 -33.28 -10.65 -2.50
CA LEU C 105 -34.28 -11.48 -1.81
C LEU C 105 -35.66 -11.32 -2.43
N CYS C 106 -36.06 -10.07 -2.72
CA CYS C 106 -37.37 -9.81 -3.31
C CYS C 106 -37.49 -10.47 -4.69
N PHE C 107 -36.51 -10.22 -5.55
CA PHE C 107 -36.58 -10.76 -6.90
C PHE C 107 -36.38 -12.27 -6.93
N SER C 108 -35.68 -12.84 -5.94
CA SER C 108 -35.54 -14.28 -5.85
C SER C 108 -36.84 -14.94 -5.41
N CYS C 109 -37.56 -14.31 -4.47
CA CYS C 109 -38.88 -14.83 -4.10
C CYS C 109 -39.84 -14.76 -5.28
N LEU C 110 -39.80 -13.65 -6.04
CA LEU C 110 -40.63 -13.55 -7.23
C LEU C 110 -40.26 -14.60 -8.27
N LEU C 111 -38.97 -14.85 -8.45
CA LEU C 111 -38.51 -15.88 -9.38
C LEU C 111 -38.94 -17.28 -8.95
N ALA C 112 -38.89 -17.55 -7.64
CA ALA C 112 -39.32 -18.85 -7.14
C ALA C 112 -40.82 -19.06 -7.35
N HIS C 113 -41.62 -18.02 -7.09
CA HIS C 113 -43.06 -18.12 -7.34
C HIS C 113 -43.34 -18.31 -8.83
N ALA C 114 -42.61 -17.58 -9.68
CA ALA C 114 -42.79 -17.73 -11.12
C ALA C 114 -42.40 -19.11 -11.60
N SER C 115 -41.32 -19.68 -11.07
CA SER C 115 -40.90 -21.03 -11.46
C SER C 115 -41.91 -22.07 -11.00
N ASN C 116 -42.47 -21.89 -9.80
CA ASN C 116 -43.52 -22.79 -9.33
C ASN C 116 -44.76 -22.70 -10.22
N LEU C 117 -45.08 -21.49 -10.69
CA LEU C 117 -46.20 -21.32 -11.61
C LEU C 117 -45.90 -21.98 -12.97
N VAL C 118 -44.66 -21.88 -13.43
CA VAL C 118 -44.28 -22.48 -14.71
C VAL C 118 -44.35 -24.00 -14.63
N LYS C 119 -43.96 -24.59 -13.49
CA LYS C 119 -44.09 -26.03 -13.36
C LYS C 119 -45.56 -26.44 -13.23
N LEU C 120 -46.41 -25.55 -12.73
CA LEU C 120 -47.86 -25.70 -12.82
C LEU C 120 -48.33 -25.28 -14.22
N VAL C 121 -49.65 -25.11 -14.38
CA VAL C 121 -50.34 -24.74 -15.61
C VAL C 121 -50.22 -25.84 -16.67
N ARG C 122 -48.99 -26.31 -16.92
CA ARG C 122 -48.71 -27.35 -17.90
C ARG C 122 -49.09 -28.75 -17.41
N GLY C 123 -49.66 -28.88 -16.22
CA GLY C 123 -50.20 -30.13 -15.73
C GLY C 123 -49.36 -30.86 -14.69
N CYS C 124 -48.14 -30.40 -14.42
CA CYS C 124 -47.30 -31.08 -13.45
C CYS C 124 -47.67 -30.67 -12.03
N VAL C 125 -47.20 -31.47 -11.06
CA VAL C 125 -47.43 -31.19 -9.65
C VAL C 125 -46.54 -30.02 -9.23
N SER C 126 -46.98 -29.28 -8.22
CA SER C 126 -46.22 -28.15 -7.71
C SER C 126 -45.01 -28.63 -6.92
N PHE C 127 -44.08 -27.70 -6.70
CA PHE C 127 -42.97 -27.96 -5.79
C PHE C 127 -43.47 -28.04 -4.36
N SER C 128 -42.63 -28.60 -3.50
CA SER C 128 -42.85 -28.46 -2.07
C SER C 128 -42.47 -27.06 -1.62
N TRP C 129 -42.99 -26.65 -0.46
CA TRP C 129 -42.68 -25.32 0.07
C TRP C 129 -41.21 -25.20 0.44
N THR C 130 -40.60 -26.31 0.90
CA THR C 130 -39.17 -26.30 1.21
C THR C 130 -38.35 -26.05 -0.03
N THR C 131 -38.72 -26.65 -1.17
CA THR C 131 -37.99 -26.46 -2.41
C THR C 131 -38.08 -25.01 -2.89
N ILE C 132 -39.28 -24.41 -2.82
CA ILE C 132 -39.46 -23.02 -3.24
C ILE C 132 -38.66 -22.08 -2.34
N LEU C 133 -38.70 -22.31 -1.02
CA LEU C 133 -37.93 -21.49 -0.10
C LEU C 133 -36.42 -21.65 -0.33
N CYS C 134 -35.98 -22.88 -0.63
CA CYS C 134 -34.57 -23.11 -0.93
C CYS C 134 -34.14 -22.40 -2.20
N ILE C 135 -35.00 -22.39 -3.23
CA ILE C 135 -34.71 -21.66 -4.45
C ILE C 135 -34.60 -20.16 -4.16
N ALA C 136 -35.52 -19.63 -3.35
CA ALA C 136 -35.50 -18.21 -3.01
C ALA C 136 -34.23 -17.83 -2.24
N ILE C 137 -33.80 -18.68 -1.31
CA ILE C 137 -32.59 -18.39 -0.54
C ILE C 137 -31.34 -18.53 -1.42
N GLY C 138 -31.28 -19.57 -2.25
CA GLY C 138 -30.10 -19.82 -3.04
C GLY C 138 -29.91 -18.85 -4.19
N CYS C 139 -31.00 -18.26 -4.68
CA CYS C 139 -30.86 -17.24 -5.72
C CYS C 139 -30.41 -15.89 -5.17
N SER C 140 -30.35 -15.74 -3.84
CA SER C 140 -29.86 -14.52 -3.21
C SER C 140 -28.56 -14.72 -2.43
N LEU C 141 -28.17 -15.99 -2.19
CA LEU C 141 -26.91 -16.24 -1.50
C LEU C 141 -25.72 -15.70 -2.29
N LEU C 142 -25.78 -15.75 -3.61
CA LEU C 142 -24.71 -15.21 -4.45
C LEU C 142 -24.56 -13.70 -4.26
N GLN C 143 -25.70 -12.97 -4.24
CA GLN C 143 -25.64 -11.54 -3.99
C GLN C 143 -25.17 -11.23 -2.58
N ILE C 144 -25.54 -12.08 -1.61
CA ILE C 144 -25.05 -11.90 -0.24
C ILE C 144 -23.53 -12.03 -0.20
N ILE C 145 -22.99 -13.04 -0.88
CA ILE C 145 -21.53 -13.25 -0.92
C ILE C 145 -20.84 -12.07 -1.61
N ILE C 146 -21.40 -11.62 -2.73
CA ILE C 146 -20.81 -10.50 -3.47
C ILE C 146 -20.80 -9.24 -2.63
N ALA C 147 -21.92 -8.97 -1.94
CA ALA C 147 -22.04 -7.77 -1.13
C ALA C 147 -21.08 -7.80 0.06
N THR C 148 -20.98 -8.93 0.75
CA THR C 148 -20.08 -8.96 1.90
C THR C 148 -18.62 -8.90 1.48
N GLU C 149 -18.27 -9.51 0.33
CA GLU C 149 -16.91 -9.40 -0.18
C GLU C 149 -16.56 -7.97 -0.53
N TYR C 150 -17.47 -7.27 -1.22
CA TYR C 150 -17.22 -5.88 -1.58
C TYR C 150 -17.10 -4.99 -0.35
N VAL C 151 -18.03 -5.14 0.61
CA VAL C 151 -18.00 -4.28 1.79
C VAL C 151 -16.76 -4.52 2.62
N THR C 152 -16.39 -5.79 2.82
CA THR C 152 -15.20 -6.10 3.62
C THR C 152 -13.93 -5.61 2.92
N LEU C 153 -13.84 -5.77 1.59
CA LEU C 153 -12.66 -5.32 0.88
C LEU C 153 -12.54 -3.80 0.86
N ILE C 154 -13.67 -3.09 0.78
CA ILE C 154 -13.61 -1.63 0.84
C ILE C 154 -13.24 -1.16 2.23
N MET C 155 -13.80 -1.79 3.28
CA MET C 155 -13.53 -1.35 4.64
C MET C 155 -12.09 -1.65 5.06
N THR C 156 -11.59 -2.84 4.74
CA THR C 156 -10.30 -3.29 5.26
C THR C 156 -9.15 -3.07 4.28
N ARG C 157 -9.25 -3.62 3.07
CA ARG C 157 -8.15 -3.62 2.12
C ARG C 157 -8.25 -2.50 1.09
N GLY C 158 -8.77 -1.34 1.49
CA GLY C 158 -8.86 -0.20 0.59
C GLY C 158 -9.33 1.02 1.32
N MET C 159 -9.32 2.14 0.60
CA MET C 159 -9.83 3.39 1.14
C MET C 159 -11.34 3.31 1.31
N MET C 160 -11.83 3.83 2.43
CA MET C 160 -13.24 3.68 2.79
C MET C 160 -14.12 4.61 1.95
N PHE C 161 -15.42 4.57 2.24
CA PHE C 161 -16.39 5.30 1.43
C PHE C 161 -16.30 6.81 1.63
N VAL C 162 -15.70 7.27 2.73
CA VAL C 162 -15.58 8.71 2.97
C VAL C 162 -14.52 9.36 2.10
N ASN C 163 -13.59 8.57 1.55
CA ASN C 163 -12.51 9.09 0.73
C ASN C 163 -12.74 8.86 -0.76
N MET C 164 -13.95 8.48 -1.15
CA MET C 164 -14.27 8.18 -2.54
C MET C 164 -15.01 9.33 -3.19
N THR C 165 -14.73 9.57 -4.46
CA THR C 165 -15.43 10.59 -5.22
C THR C 165 -16.87 10.15 -5.48
N PRO C 166 -17.80 11.10 -5.67
CA PRO C 166 -19.19 10.72 -5.98
C PRO C 166 -19.34 9.89 -7.24
N CYS C 167 -18.51 10.14 -8.26
CA CYS C 167 -18.58 9.34 -9.49
C CYS C 167 -18.20 7.89 -9.23
N GLN C 168 -17.12 7.67 -8.47
CA GLN C 168 -16.71 6.30 -8.13
C GLN C 168 -17.77 5.62 -7.27
N LEU C 169 -18.37 6.35 -6.34
CA LEU C 169 -19.42 5.78 -5.49
C LEU C 169 -20.63 5.37 -6.32
N ASN C 170 -21.06 6.23 -7.25
CA ASN C 170 -22.22 5.91 -8.09
C ASN C 170 -21.92 4.74 -9.02
N VAL C 171 -20.72 4.70 -9.60
CA VAL C 171 -20.35 3.59 -10.49
C VAL C 171 -20.32 2.28 -9.72
N ASP C 172 -19.72 2.29 -8.51
CA ASP C 172 -19.66 1.09 -7.70
C ASP C 172 -21.06 0.63 -7.29
N PHE C 173 -21.92 1.58 -6.92
CA PHE C 173 -23.29 1.25 -6.51
C PHE C 173 -24.08 0.63 -7.65
N VAL C 174 -23.92 1.15 -8.87
CA VAL C 174 -24.64 0.59 -10.01
C VAL C 174 -24.09 -0.78 -10.39
N VAL C 175 -22.76 -0.91 -10.44
CA VAL C 175 -22.14 -2.17 -10.86
C VAL C 175 -22.34 -3.29 -9.82
N LEU C 176 -22.53 -2.94 -8.55
CA LEU C 176 -22.80 -3.96 -7.54
C LEU C 176 -24.14 -4.66 -7.72
N LEU C 177 -25.03 -4.14 -8.56
CA LEU C 177 -26.36 -4.70 -8.76
C LEU C 177 -26.49 -5.43 -10.10
N VAL C 178 -25.38 -5.88 -10.70
CA VAL C 178 -25.44 -6.60 -11.96
C VAL C 178 -26.17 -7.94 -11.80
N TYR C 179 -25.87 -8.67 -10.72
CA TYR C 179 -26.56 -9.93 -10.47
C TYR C 179 -28.03 -9.71 -10.15
N VAL C 180 -28.36 -8.59 -9.49
CA VAL C 180 -29.76 -8.27 -9.24
C VAL C 180 -30.49 -7.98 -10.56
N LEU C 181 -29.83 -7.27 -11.47
CA LEU C 181 -30.42 -7.02 -12.79
C LEU C 181 -30.59 -8.32 -13.58
N PHE C 182 -29.63 -9.24 -13.45
CA PHE C 182 -29.76 -10.55 -14.08
C PHE C 182 -30.94 -11.32 -13.49
N LEU C 183 -31.14 -11.23 -12.18
CA LEU C 183 -32.30 -11.86 -11.54
C LEU C 183 -33.61 -11.24 -12.04
N MET C 184 -33.62 -9.91 -12.24
CA MET C 184 -34.80 -9.24 -12.76
C MET C 184 -35.13 -9.72 -14.17
N ALA C 185 -34.11 -9.81 -15.04
CA ALA C 185 -34.33 -10.29 -16.40
C ALA C 185 -34.79 -11.74 -16.42
N LEU C 186 -34.19 -12.59 -15.57
CA LEU C 186 -34.58 -13.99 -15.50
C LEU C 186 -36.02 -14.13 -15.01
N THR C 187 -36.41 -13.34 -14.00
CA THR C 187 -37.78 -13.37 -13.51
C THR C 187 -38.75 -12.88 -14.58
N PHE C 188 -38.36 -11.87 -15.36
CA PHE C 188 -39.18 -11.37 -16.46
C PHE C 188 -39.42 -12.46 -17.49
N PHE C 189 -38.34 -13.16 -17.89
CA PHE C 189 -38.48 -14.18 -18.93
C PHE C 189 -39.21 -15.42 -18.42
N VAL C 190 -39.05 -15.76 -17.14
CA VAL C 190 -39.78 -16.91 -16.60
C VAL C 190 -41.26 -16.58 -16.46
N SER C 191 -41.60 -15.39 -15.95
CA SER C 191 -42.99 -15.00 -15.81
C SER C 191 -43.66 -14.74 -17.16
N LYS C 192 -42.88 -14.47 -18.21
CA LYS C 192 -43.47 -14.40 -19.55
C LYS C 192 -43.83 -15.79 -20.06
N ALA C 193 -43.09 -16.82 -19.65
CA ALA C 193 -43.25 -18.16 -20.19
C ALA C 193 -44.46 -18.90 -19.65
N THR C 194 -45.11 -18.40 -18.60
CA THR C 194 -46.26 -19.07 -18.03
C THR C 194 -47.58 -18.63 -18.66
N PHE C 195 -47.53 -17.76 -19.67
CA PHE C 195 -48.75 -17.29 -20.32
C PHE C 195 -49.38 -18.33 -21.24
N CYS C 196 -48.64 -19.36 -21.64
CA CYS C 196 -49.14 -20.40 -22.52
C CYS C 196 -49.40 -21.66 -21.70
N GLY C 197 -50.66 -22.05 -21.59
CA GLY C 197 -51.03 -23.25 -20.87
C GLY C 197 -52.53 -23.48 -20.80
N PRO C 198 -52.93 -24.73 -20.55
CA PRO C 198 -54.37 -25.02 -20.50
C PRO C 198 -55.08 -24.43 -19.30
N CYS C 199 -54.49 -24.51 -18.10
CA CYS C 199 -55.18 -24.10 -16.88
C CYS C 199 -55.27 -22.59 -16.79
N GLU C 200 -56.47 -22.08 -16.54
CA GLU C 200 -56.73 -20.65 -16.42
C GLU C 200 -56.65 -20.16 -14.98
N ASN C 201 -56.44 -21.04 -14.02
CA ASN C 201 -56.48 -20.65 -12.61
C ASN C 201 -55.15 -20.04 -12.15
N TRP C 202 -54.05 -20.34 -12.82
CA TRP C 202 -52.73 -19.96 -12.33
C TRP C 202 -52.06 -18.84 -13.13
N LYS C 203 -52.54 -18.53 -14.33
CA LYS C 203 -51.88 -17.49 -15.12
C LYS C 203 -52.15 -16.08 -14.59
N GLN C 204 -53.13 -15.91 -13.72
CA GLN C 204 -53.36 -14.60 -13.10
C GLN C 204 -52.21 -14.23 -12.17
N HIS C 205 -51.68 -15.20 -11.41
CA HIS C 205 -50.51 -14.96 -10.57
C HIS C 205 -49.30 -14.59 -11.42
N GLY C 206 -49.12 -15.30 -12.54
CA GLY C 206 -48.04 -14.95 -13.45
C GLY C 206 -48.20 -13.59 -14.08
N ARG C 207 -49.45 -13.18 -14.36
CA ARG C 207 -49.70 -11.83 -14.84
C ARG C 207 -49.30 -10.79 -13.81
N LEU C 208 -49.65 -11.03 -12.54
CA LEU C 208 -49.25 -10.10 -11.48
C LEU C 208 -47.73 -10.01 -11.35
N ILE C 209 -47.06 -11.16 -11.40
CA ILE C 209 -45.59 -11.17 -11.33
C ILE C 209 -44.99 -10.44 -12.53
N PHE C 210 -45.57 -10.63 -13.73
CA PHE C 210 -45.08 -9.97 -14.94
C PHE C 210 -45.21 -8.46 -14.85
N ILE C 211 -46.36 -7.97 -14.38
CA ILE C 211 -46.56 -6.53 -14.23
C ILE C 211 -45.61 -5.96 -13.19
N THR C 212 -45.44 -6.66 -12.06
CA THR C 212 -44.54 -6.19 -11.02
C THR C 212 -43.10 -6.11 -11.51
N VAL C 213 -42.64 -7.13 -12.23
CA VAL C 213 -41.26 -7.14 -12.73
C VAL C 213 -41.08 -6.08 -13.81
N LEU C 214 -42.08 -5.87 -14.67
CA LEU C 214 -41.97 -4.84 -15.69
C LEU C 214 -41.89 -3.44 -15.08
N PHE C 215 -42.72 -3.17 -14.07
CA PHE C 215 -42.64 -1.87 -13.39
C PHE C 215 -41.32 -1.70 -12.66
N SER C 216 -40.81 -2.78 -12.06
CA SER C 216 -39.50 -2.71 -11.40
C SER C 216 -38.38 -2.44 -12.40
N ILE C 217 -38.46 -3.04 -13.60
CA ILE C 217 -37.48 -2.79 -14.64
C ILE C 217 -37.53 -1.35 -15.10
N ILE C 218 -38.73 -0.80 -15.27
CA ILE C 218 -38.88 0.59 -15.68
C ILE C 218 -38.28 1.53 -14.63
N ILE C 219 -38.58 1.27 -13.36
CA ILE C 219 -38.07 2.09 -12.26
C ILE C 219 -36.55 2.00 -12.19
N TRP C 220 -36.00 0.79 -12.33
CA TRP C 220 -34.55 0.61 -12.26
C TRP C 220 -33.84 1.31 -13.41
N VAL C 221 -34.40 1.22 -14.63
CA VAL C 221 -33.81 1.92 -15.77
C VAL C 221 -33.83 3.42 -15.54
N VAL C 222 -34.95 3.95 -15.04
CA VAL C 222 -35.09 5.39 -14.82
C VAL C 222 -34.07 5.88 -13.80
N TRP C 223 -33.97 5.20 -12.65
CA TRP C 223 -33.09 5.73 -11.61
C TRP C 223 -31.61 5.47 -11.92
N ILE C 224 -31.29 4.37 -12.61
CA ILE C 224 -29.90 4.16 -13.04
C ILE C 224 -29.48 5.22 -14.05
N SER C 225 -30.35 5.55 -15.00
CA SER C 225 -30.05 6.60 -15.96
C SER C 225 -29.95 7.97 -15.29
N MET C 226 -30.78 8.21 -14.28
CA MET C 226 -30.71 9.49 -13.56
C MET C 226 -29.43 9.60 -12.73
N LEU C 227 -29.01 8.51 -12.09
CA LEU C 227 -27.83 8.56 -11.24
C LEU C 227 -26.55 8.63 -12.06
N LEU C 228 -26.47 7.86 -13.15
CA LEU C 228 -25.21 7.76 -13.88
C LEU C 228 -25.02 8.93 -14.83
N ARG C 229 -26.03 9.26 -15.63
CA ARG C 229 -25.88 10.22 -16.72
C ARG C 229 -26.70 11.49 -16.55
N GLY C 230 -27.92 11.40 -16.03
CA GLY C 230 -28.77 12.57 -15.92
C GLY C 230 -28.26 13.59 -14.92
N ASN C 231 -27.70 13.11 -13.80
CA ASN C 231 -27.21 14.02 -12.76
C ASN C 231 -26.03 14.89 -13.21
N PRO C 232 -24.98 14.39 -13.88
CA PRO C 232 -23.95 15.32 -14.38
C PRO C 232 -24.45 16.24 -15.48
N GLN C 233 -25.40 15.78 -16.30
CA GLN C 233 -25.91 16.64 -17.37
C GLN C 233 -26.81 17.74 -16.84
N PHE C 234 -27.45 17.52 -15.68
CA PHE C 234 -28.28 18.55 -15.06
C PHE C 234 -27.48 19.47 -14.15
N GLN C 235 -26.16 19.26 -14.06
CA GLN C 235 -25.24 20.11 -13.29
C GLN C 235 -25.59 20.14 -11.81
N ARG C 236 -26.22 19.07 -11.30
CA ARG C 236 -26.60 18.98 -9.90
C ARG C 236 -26.14 17.63 -9.35
N GLN C 237 -24.99 17.65 -8.69
CA GLN C 237 -24.37 16.44 -8.13
C GLN C 237 -23.47 16.86 -6.97
N PRO C 238 -23.51 16.13 -5.83
CA PRO C 238 -24.30 14.93 -5.55
C PRO C 238 -25.57 15.18 -4.73
N GLN C 239 -26.25 16.31 -4.89
CA GLN C 239 -27.46 16.55 -4.11
C GLN C 239 -28.70 15.91 -4.70
N TRP C 240 -28.60 15.29 -5.89
CA TRP C 240 -29.63 14.38 -6.40
C TRP C 240 -29.09 12.96 -6.55
N ASP C 241 -28.26 12.51 -5.62
CA ASP C 241 -27.90 11.09 -5.57
C ASP C 241 -28.75 10.34 -4.55
N ASP C 242 -28.62 10.71 -3.28
CA ASP C 242 -29.44 10.09 -2.23
C ASP C 242 -30.94 10.29 -2.40
N PRO C 243 -31.46 11.49 -2.74
CA PRO C 243 -32.91 11.59 -3.01
C PRO C 243 -33.39 10.70 -4.14
N VAL C 244 -32.62 10.55 -5.22
CA VAL C 244 -33.06 9.71 -6.33
C VAL C 244 -33.05 8.23 -5.93
N VAL C 245 -31.99 7.78 -5.24
CA VAL C 245 -31.95 6.39 -4.82
C VAL C 245 -33.06 6.09 -3.80
N CYS C 246 -33.31 7.02 -2.87
CA CYS C 246 -34.35 6.79 -1.88
C CYS C 246 -35.74 6.81 -2.51
N ILE C 247 -35.97 7.71 -3.48
CA ILE C 247 -37.25 7.75 -4.19
C ILE C 247 -37.47 6.46 -4.96
N ALA C 248 -36.43 5.96 -5.64
CA ALA C 248 -36.54 4.70 -6.36
C ALA C 248 -36.82 3.53 -5.42
N LEU C 249 -36.15 3.50 -4.27
CA LEU C 249 -36.35 2.44 -3.30
C LEU C 249 -37.78 2.44 -2.77
N VAL C 250 -38.27 3.61 -2.38
CA VAL C 250 -39.63 3.72 -1.84
C VAL C 250 -40.67 3.38 -2.90
N THR C 251 -40.46 3.85 -4.13
CA THR C 251 -41.39 3.57 -5.21
C THR C 251 -41.42 2.07 -5.54
N ASN C 252 -40.26 1.43 -5.55
CA ASN C 252 -40.23 -0.01 -5.86
C ASN C 252 -40.83 -0.83 -4.73
N ALA C 253 -40.61 -0.42 -3.48
CA ALA C 253 -41.24 -1.12 -2.36
C ALA C 253 -42.76 -0.97 -2.40
N TRP C 254 -43.25 0.23 -2.74
CA TRP C 254 -44.69 0.42 -2.86
C TRP C 254 -45.27 -0.32 -4.06
N VAL C 255 -44.50 -0.45 -5.14
CA VAL C 255 -44.92 -1.28 -6.27
C VAL C 255 -45.01 -2.74 -5.86
N PHE C 256 -44.04 -3.21 -5.07
CA PHE C 256 -44.08 -4.58 -4.55
C PHE C 256 -45.31 -4.81 -3.68
N LEU C 257 -45.65 -3.82 -2.84
CA LEU C 257 -46.83 -3.96 -1.99
C LEU C 257 -48.12 -3.93 -2.81
N LEU C 258 -48.27 -2.94 -3.69
CA LEU C 258 -49.57 -2.66 -4.30
C LEU C 258 -49.85 -3.52 -5.52
N LEU C 259 -48.82 -3.89 -6.28
CA LEU C 259 -49.02 -4.65 -7.50
C LEU C 259 -48.93 -6.16 -7.30
N TYR C 260 -48.27 -6.61 -6.24
CA TYR C 260 -48.13 -8.06 -6.03
C TYR C 260 -48.76 -8.52 -4.73
N ILE C 261 -48.41 -7.92 -3.59
CA ILE C 261 -48.88 -8.43 -2.29
C ILE C 261 -50.38 -8.25 -2.14
N VAL C 262 -50.90 -7.06 -2.42
CA VAL C 262 -52.34 -6.82 -2.30
C VAL C 262 -53.16 -7.65 -3.27
N PRO C 263 -52.82 -7.76 -4.57
CA PRO C 263 -53.62 -8.66 -5.42
C PRO C 263 -53.53 -10.13 -5.04
N GLU C 264 -52.36 -10.61 -4.62
CA GLU C 264 -52.28 -11.98 -4.11
C GLU C 264 -53.12 -12.17 -2.86
N LEU C 265 -53.16 -11.16 -1.98
CA LEU C 265 -54.00 -11.24 -0.80
C LEU C 265 -55.48 -11.32 -1.17
N CYS C 266 -55.90 -10.49 -2.13
CA CYS C 266 -57.30 -10.49 -2.55
C CYS C 266 -57.67 -11.78 -3.27
N ILE C 267 -56.74 -12.35 -4.04
CA ILE C 267 -56.99 -13.61 -4.73
C ILE C 267 -57.05 -14.76 -3.73
N LEU C 268 -56.12 -14.78 -2.76
CA LEU C 268 -56.07 -15.84 -1.77
C LEU C 268 -57.24 -15.78 -0.80
N TYR C 269 -57.80 -14.58 -0.59
CA TYR C 269 -58.92 -14.44 0.35
C TYR C 269 -60.18 -15.09 -0.20
N ARG C 270 -60.36 -15.12 -1.52
CA ARG C 270 -61.54 -15.76 -2.09
C ARG C 270 -61.51 -17.28 -1.97
N SER C 271 -60.32 -17.86 -1.74
CA SER C 271 -60.12 -19.29 -1.59
C SER C 271 -60.66 -20.11 -2.76
N GLY D 23 18.05 -19.86 -2.55
CA GLY D 23 18.49 -21.25 -2.62
C GLY D 23 18.28 -21.87 -3.98
N PRO D 24 18.45 -23.20 -4.07
CA PRO D 24 18.26 -23.89 -5.35
C PRO D 24 16.81 -24.15 -5.73
N TRP D 25 15.85 -23.72 -4.91
CA TRP D 25 14.44 -23.96 -5.18
C TRP D 25 13.97 -23.27 -6.46
N GLY D 26 14.70 -22.27 -6.94
CA GLY D 26 14.38 -21.64 -8.20
C GLY D 26 14.82 -22.40 -9.43
N ILE D 27 15.68 -23.40 -9.29
CA ILE D 27 16.13 -24.18 -10.44
C ILE D 27 15.62 -25.62 -10.40
N ILE D 28 15.34 -26.17 -9.23
CA ILE D 28 14.77 -27.52 -9.14
C ILE D 28 13.29 -27.49 -9.52
N LEU D 29 12.50 -26.68 -8.82
CA LEU D 29 11.06 -26.64 -9.02
C LEU D 29 10.70 -26.25 -10.45
N GLU D 30 11.42 -25.27 -11.00
CA GLU D 30 11.24 -24.87 -12.39
C GLU D 30 11.42 -26.06 -13.32
N SER D 31 12.46 -26.86 -13.10
CA SER D 31 12.64 -28.10 -13.85
C SER D 31 11.46 -29.03 -13.62
N LEU D 32 11.04 -29.18 -12.35
CA LEU D 32 9.86 -29.97 -12.04
C LEU D 32 8.60 -29.36 -12.63
N ALA D 33 8.59 -28.05 -12.89
CA ALA D 33 7.51 -27.46 -13.66
C ALA D 33 7.63 -27.85 -15.13
N ILE D 34 8.84 -27.69 -15.69
CA ILE D 34 9.01 -27.75 -17.14
C ILE D 34 8.70 -29.14 -17.67
N LEU D 35 9.27 -30.17 -17.01
CA LEU D 35 8.95 -31.55 -17.35
C LEU D 35 7.45 -31.80 -17.25
N GLY D 36 6.82 -31.27 -16.20
CA GLY D 36 5.37 -31.40 -16.07
C GLY D 36 4.65 -30.79 -17.24
N ILE D 37 5.12 -29.62 -17.70
CA ILE D 37 4.53 -28.96 -18.87
C ILE D 37 4.64 -29.86 -20.09
N VAL D 38 5.72 -30.62 -20.20
CA VAL D 38 5.82 -31.60 -21.28
C VAL D 38 4.79 -32.70 -21.08
N VAL D 39 4.75 -33.27 -19.87
CA VAL D 39 4.02 -34.52 -19.65
C VAL D 39 2.52 -34.30 -19.82
N THR D 40 1.99 -33.23 -19.24
CA THR D 40 0.58 -32.92 -19.37
C THR D 40 0.17 -32.55 -20.79
N ILE D 41 1.13 -32.28 -21.69
CA ILE D 41 0.77 -32.20 -23.10
C ILE D 41 0.66 -33.59 -23.70
N LEU D 42 1.65 -34.45 -23.42
CA LEU D 42 1.69 -35.77 -24.05
C LEU D 42 0.49 -36.61 -23.64
N LEU D 43 0.19 -36.63 -22.34
CA LEU D 43 -1.02 -37.28 -21.85
C LEU D 43 -2.26 -36.69 -22.51
N LEU D 44 -2.26 -35.37 -22.71
CA LEU D 44 -3.34 -34.71 -23.44
C LEU D 44 -3.50 -35.32 -24.82
N LEU D 45 -2.40 -35.46 -25.55
CA LEU D 45 -2.44 -36.16 -26.82
C LEU D 45 -2.87 -37.60 -26.62
N ALA D 46 -2.34 -38.25 -25.58
CA ALA D 46 -2.71 -39.63 -25.26
C ALA D 46 -4.17 -39.74 -24.85
N PHE D 47 -4.81 -38.62 -24.52
CA PHE D 47 -6.25 -38.68 -24.30
C PHE D 47 -7.02 -38.43 -25.59
N LEU D 48 -6.54 -37.49 -26.42
CA LEU D 48 -7.30 -37.08 -27.61
C LEU D 48 -7.46 -38.22 -28.59
N PHE D 49 -6.38 -38.97 -28.82
CA PHE D 49 -6.45 -40.15 -29.67
C PHE D 49 -7.43 -41.17 -29.11
N LEU D 50 -7.50 -41.28 -27.78
CA LEU D 50 -8.46 -42.21 -27.18
C LEU D 50 -9.89 -41.77 -27.43
N MET D 51 -10.13 -40.48 -27.66
CA MET D 51 -11.46 -40.02 -28.02
C MET D 51 -11.89 -40.54 -29.38
N ARG D 52 -10.94 -40.97 -30.22
CA ARG D 52 -11.26 -41.61 -31.48
C ARG D 52 -11.34 -43.13 -31.37
N LYS D 53 -11.07 -43.70 -30.19
CA LYS D 53 -10.97 -45.14 -30.05
C LYS D 53 -11.82 -45.74 -28.93
N ILE D 54 -12.44 -44.93 -28.08
CA ILE D 54 -13.25 -45.43 -26.97
C ILE D 54 -14.71 -45.42 -27.39
N GLN D 55 -15.35 -46.60 -27.32
CA GLN D 55 -16.77 -46.76 -27.65
C GLN D 55 -17.42 -47.50 -26.49
N ASP D 56 -17.84 -46.76 -25.47
CA ASP D 56 -18.46 -47.35 -24.29
C ASP D 56 -19.78 -46.63 -23.98
N CYS D 57 -19.84 -45.34 -24.33
CA CYS D 57 -21.00 -44.45 -24.19
C CYS D 57 -21.30 -44.12 -22.74
N SER D 58 -20.56 -44.73 -21.81
CA SER D 58 -20.67 -44.42 -20.39
C SER D 58 -19.39 -43.82 -19.82
N GLN D 59 -18.23 -44.37 -20.17
CA GLN D 59 -16.95 -43.81 -19.78
C GLN D 59 -16.42 -42.79 -20.78
N TRP D 60 -17.05 -42.66 -21.95
CA TRP D 60 -16.64 -41.65 -22.92
C TRP D 60 -17.11 -40.26 -22.49
N ASN D 61 -18.19 -40.18 -21.72
CA ASN D 61 -18.76 -38.89 -21.33
C ASN D 61 -17.85 -38.10 -20.39
N VAL D 62 -16.89 -38.75 -19.75
CA VAL D 62 -15.99 -38.07 -18.82
C VAL D 62 -14.81 -37.43 -19.57
N LEU D 63 -14.57 -37.87 -20.82
CA LEU D 63 -13.37 -37.46 -21.54
C LEU D 63 -13.23 -35.94 -21.78
N PRO D 64 -14.26 -35.17 -22.17
CA PRO D 64 -14.07 -33.71 -22.23
C PRO D 64 -13.75 -33.08 -20.88
N THR D 65 -14.35 -33.61 -19.81
CA THR D 65 -14.04 -33.12 -18.47
C THR D 65 -12.60 -33.41 -18.09
N GLN D 66 -12.10 -34.60 -18.47
CA GLN D 66 -10.70 -34.91 -18.21
C GLN D 66 -9.76 -34.07 -19.09
N LEU D 67 -10.20 -33.71 -20.29
CA LEU D 67 -9.43 -32.77 -21.11
C LEU D 67 -9.33 -31.41 -20.43
N LEU D 68 -10.44 -30.93 -19.87
CA LEU D 68 -10.43 -29.66 -19.13
C LEU D 68 -9.55 -29.77 -17.89
N PHE D 69 -9.57 -30.92 -17.22
CA PHE D 69 -8.70 -31.15 -16.08
C PHE D 69 -7.23 -31.11 -16.46
N LEU D 70 -6.89 -31.73 -17.59
CA LEU D 70 -5.50 -31.69 -18.07
C LEU D 70 -5.08 -30.28 -18.45
N LEU D 71 -5.99 -29.52 -19.07
CA LEU D 71 -5.70 -28.12 -19.37
C LEU D 71 -5.49 -27.30 -18.10
N SER D 72 -6.27 -27.58 -17.06
CA SER D 72 -6.09 -26.87 -15.79
C SER D 72 -4.79 -27.26 -15.10
N VAL D 73 -4.37 -28.52 -15.22
CA VAL D 73 -3.08 -28.95 -14.69
C VAL D 73 -1.94 -28.26 -15.43
N LEU D 74 -2.06 -28.14 -16.76
CA LEU D 74 -1.10 -27.37 -17.54
C LEU D 74 -1.07 -25.91 -17.10
N GLY D 75 -2.24 -25.35 -16.79
CA GLY D 75 -2.30 -23.98 -16.28
C GLY D 75 -1.60 -23.84 -14.94
N LEU D 76 -1.75 -24.85 -14.06
CA LEU D 76 -1.05 -24.84 -12.78
C LEU D 76 0.47 -24.89 -12.98
N PHE D 77 0.92 -25.77 -13.89
CA PHE D 77 2.36 -25.88 -14.16
C PHE D 77 2.92 -24.59 -14.75
N GLY D 78 2.16 -23.94 -15.63
CA GLY D 78 2.57 -22.63 -16.11
C GLY D 78 2.55 -21.55 -15.05
N LEU D 79 1.57 -21.60 -14.14
CA LEU D 79 1.45 -20.63 -13.06
C LEU D 79 2.57 -20.77 -12.04
N ALA D 80 3.20 -21.93 -11.95
CA ALA D 80 4.34 -22.11 -11.05
C ALA D 80 5.48 -21.13 -11.37
N PHE D 81 5.61 -20.72 -12.64
CA PHE D 81 6.61 -19.72 -12.99
C PHE D 81 6.29 -18.36 -12.39
N ALA D 82 5.00 -18.05 -12.19
CA ALA D 82 4.63 -16.78 -11.57
C ALA D 82 5.07 -16.71 -10.12
N PHE D 83 5.22 -17.86 -9.45
CA PHE D 83 5.76 -17.88 -8.11
C PHE D 83 7.27 -18.04 -8.09
N ILE D 84 7.85 -18.67 -9.11
CA ILE D 84 9.31 -18.70 -9.24
C ILE D 84 9.85 -17.29 -9.51
N ILE D 85 9.22 -16.56 -10.42
CA ILE D 85 9.60 -15.18 -10.68
C ILE D 85 9.24 -14.31 -9.47
N GLU D 86 10.08 -13.32 -9.19
CA GLU D 86 9.96 -12.39 -8.07
C GLU D 86 8.54 -11.83 -7.94
N LEU D 87 8.08 -11.71 -6.69
CA LEU D 87 6.79 -11.12 -6.39
C LEU D 87 6.75 -9.68 -6.88
N ASN D 88 5.94 -9.42 -7.90
CA ASN D 88 5.90 -8.12 -8.55
C ASN D 88 4.50 -7.53 -8.39
N GLN D 89 4.42 -6.22 -8.61
CA GLN D 89 3.11 -5.58 -8.73
C GLN D 89 2.37 -6.06 -9.97
N GLN D 90 3.09 -6.57 -10.97
CA GLN D 90 2.50 -7.21 -12.13
C GLN D 90 2.10 -8.66 -11.88
N THR D 91 2.87 -9.40 -11.07
CA THR D 91 2.64 -10.83 -10.88
C THR D 91 1.67 -11.14 -9.75
N ALA D 92 1.49 -10.23 -8.80
CA ALA D 92 0.56 -10.48 -7.70
C ALA D 92 -0.89 -10.64 -8.15
N PRO D 93 -1.46 -9.80 -9.03
CA PRO D 93 -2.80 -10.12 -9.55
C PRO D 93 -2.86 -11.43 -10.30
N VAL D 94 -1.79 -11.79 -11.01
CA VAL D 94 -1.75 -13.06 -11.74
C VAL D 94 -1.86 -14.23 -10.77
N ARG D 95 -1.08 -14.20 -9.70
CA ARG D 95 -1.15 -15.26 -8.68
C ARG D 95 -2.53 -15.30 -8.04
N TYR D 96 -3.00 -14.14 -7.53
CA TYR D 96 -4.22 -14.09 -6.74
C TYR D 96 -5.46 -14.38 -7.57
N PHE D 97 -5.39 -14.25 -8.90
CA PHE D 97 -6.50 -14.67 -9.73
C PHE D 97 -6.38 -16.12 -10.18
N LEU D 98 -5.22 -16.52 -10.70
CA LEU D 98 -5.12 -17.81 -11.37
C LEU D 98 -5.06 -18.99 -10.41
N PHE D 99 -4.51 -18.80 -9.20
CA PHE D 99 -4.32 -19.92 -8.27
C PHE D 99 -5.65 -20.59 -7.92
N GLY D 100 -6.55 -19.82 -7.31
CA GLY D 100 -7.83 -20.38 -6.89
C GLY D 100 -8.69 -20.80 -8.06
N VAL D 101 -8.63 -20.06 -9.18
CA VAL D 101 -9.46 -20.39 -10.35
C VAL D 101 -9.06 -21.73 -10.93
N LEU D 102 -7.75 -21.96 -11.12
CA LEU D 102 -7.29 -23.21 -11.71
C LEU D 102 -7.50 -24.38 -10.75
N PHE D 103 -7.27 -24.16 -9.45
CA PHE D 103 -7.50 -25.24 -8.49
C PHE D 103 -8.98 -25.59 -8.40
N ALA D 104 -9.85 -24.58 -8.45
CA ALA D 104 -11.28 -24.84 -8.45
C ALA D 104 -11.72 -25.56 -9.71
N LEU D 105 -11.09 -25.25 -10.85
CA LEU D 105 -11.38 -25.99 -12.08
C LEU D 105 -11.00 -27.46 -11.95
N CYS D 106 -9.82 -27.73 -11.38
CA CYS D 106 -9.38 -29.11 -11.18
C CYS D 106 -10.34 -29.86 -10.25
N PHE D 107 -10.67 -29.26 -9.11
CA PHE D 107 -11.51 -29.95 -8.15
C PHE D 107 -12.96 -30.04 -8.61
N SER D 108 -13.40 -29.12 -9.48
CA SER D 108 -14.74 -29.21 -10.03
C SER D 108 -14.83 -30.32 -11.09
N CYS D 109 -13.77 -30.50 -11.87
CA CYS D 109 -13.72 -31.65 -12.78
C CYS D 109 -13.73 -32.95 -12.00
N LEU D 110 -12.96 -33.01 -10.90
CA LEU D 110 -12.97 -34.20 -10.06
C LEU D 110 -14.35 -34.44 -9.43
N LEU D 111 -15.02 -33.36 -9.02
CA LEU D 111 -16.35 -33.48 -8.43
C LEU D 111 -17.37 -33.96 -9.45
N ALA D 112 -17.28 -33.48 -10.70
CA ALA D 112 -18.19 -33.93 -11.75
C ALA D 112 -17.98 -35.41 -12.05
N HIS D 113 -16.72 -35.85 -12.12
CA HIS D 113 -16.44 -37.26 -12.34
C HIS D 113 -16.95 -38.11 -11.18
N ALA D 114 -16.76 -37.62 -9.95
CA ALA D 114 -17.22 -38.35 -8.77
C ALA D 114 -18.75 -38.43 -8.72
N SER D 115 -19.45 -37.36 -9.12
CA SER D 115 -20.91 -37.39 -9.16
C SER D 115 -21.41 -38.36 -10.22
N ASN D 116 -20.75 -38.38 -11.38
CA ASN D 116 -21.12 -39.36 -12.42
C ASN D 116 -20.89 -40.77 -11.91
N LEU D 117 -19.80 -41.00 -11.19
CA LEU D 117 -19.56 -42.33 -10.61
C LEU D 117 -20.59 -42.69 -9.55
N VAL D 118 -21.01 -41.70 -8.75
CA VAL D 118 -22.05 -41.94 -7.74
C VAL D 118 -23.34 -42.37 -8.42
N LYS D 119 -23.71 -41.70 -9.50
CA LYS D 119 -24.94 -42.06 -10.19
C LYS D 119 -24.79 -43.36 -10.99
N LEU D 120 -23.57 -43.73 -11.36
CA LEU D 120 -23.35 -44.95 -12.14
C LEU D 120 -23.30 -46.20 -11.26
N VAL D 121 -22.66 -46.12 -10.09
CA VAL D 121 -22.55 -47.30 -9.21
C VAL D 121 -23.91 -47.71 -8.69
N ARG D 122 -24.81 -46.75 -8.44
CA ARG D 122 -26.17 -47.07 -7.99
C ARG D 122 -26.99 -47.78 -9.06
N GLY D 123 -26.55 -47.80 -10.31
CA GLY D 123 -27.24 -48.51 -11.37
C GLY D 123 -28.02 -47.65 -12.32
N CYS D 124 -27.97 -46.32 -12.17
CA CYS D 124 -28.72 -45.43 -13.03
C CYS D 124 -27.96 -45.16 -14.33
N VAL D 125 -28.66 -44.56 -15.29
CA VAL D 125 -28.06 -44.20 -16.57
C VAL D 125 -27.11 -43.03 -16.37
N SER D 126 -25.93 -43.13 -16.96
CA SER D 126 -24.89 -42.11 -16.79
C SER D 126 -25.31 -40.79 -17.42
N PHE D 127 -24.76 -39.70 -16.88
CA PHE D 127 -24.99 -38.38 -17.44
C PHE D 127 -24.35 -38.26 -18.81
N SER D 128 -24.91 -37.37 -19.63
CA SER D 128 -24.27 -37.03 -20.90
C SER D 128 -23.03 -36.19 -20.64
N TRP D 129 -22.16 -36.10 -21.66
CA TRP D 129 -20.92 -35.37 -21.50
C TRP D 129 -21.16 -33.87 -21.35
N THR D 130 -22.22 -33.35 -21.98
CA THR D 130 -22.57 -31.94 -21.81
C THR D 130 -22.95 -31.63 -20.38
N THR D 131 -23.74 -32.50 -19.75
CA THR D 131 -24.14 -32.29 -18.37
C THR D 131 -22.94 -32.33 -17.43
N ILE D 132 -22.04 -33.30 -17.63
CA ILE D 132 -20.84 -33.41 -16.79
C ILE D 132 -19.95 -32.19 -16.98
N LEU D 133 -19.85 -31.69 -18.22
CA LEU D 133 -19.10 -30.47 -18.46
C LEU D 133 -19.75 -29.26 -17.79
N CYS D 134 -21.08 -29.22 -17.75
CA CYS D 134 -21.76 -28.14 -17.03
C CYS D 134 -21.48 -28.18 -15.54
N ILE D 135 -21.47 -29.37 -14.94
CA ILE D 135 -21.08 -29.47 -13.53
C ILE D 135 -19.61 -29.08 -13.34
N ALA D 136 -18.76 -29.42 -14.31
CA ALA D 136 -17.34 -29.08 -14.18
C ALA D 136 -17.10 -27.58 -14.29
N ILE D 137 -17.84 -26.90 -15.15
CA ILE D 137 -17.59 -25.47 -15.40
C ILE D 137 -18.36 -24.59 -14.42
N GLY D 138 -19.64 -24.90 -14.16
CA GLY D 138 -20.44 -24.04 -13.32
C GLY D 138 -20.03 -24.06 -11.86
N CYS D 139 -19.40 -25.14 -11.40
CA CYS D 139 -18.90 -25.19 -10.04
C CYS D 139 -17.66 -24.33 -9.87
N SER D 140 -16.94 -24.03 -10.94
CA SER D 140 -15.76 -23.18 -10.88
C SER D 140 -16.06 -21.72 -11.20
N LEU D 141 -17.32 -21.39 -11.52
CA LEU D 141 -17.66 -20.01 -11.85
C LEU D 141 -17.73 -19.12 -10.62
N LEU D 142 -18.12 -19.67 -9.47
CA LEU D 142 -18.15 -18.90 -8.23
C LEU D 142 -16.76 -18.45 -7.82
N GLN D 143 -15.77 -19.33 -7.95
CA GLN D 143 -14.38 -18.94 -7.67
C GLN D 143 -13.89 -17.90 -8.64
N ILE D 144 -14.29 -18.00 -9.92
CA ILE D 144 -13.92 -16.98 -10.90
C ILE D 144 -14.50 -15.63 -10.51
N ILE D 145 -15.77 -15.61 -10.09
CA ILE D 145 -16.41 -14.36 -9.67
C ILE D 145 -15.70 -13.77 -8.45
N ILE D 146 -15.41 -14.63 -7.46
CA ILE D 146 -14.75 -14.17 -6.23
C ILE D 146 -13.36 -13.61 -6.53
N ALA D 147 -12.59 -14.33 -7.35
CA ALA D 147 -11.23 -13.92 -7.68
C ALA D 147 -11.22 -12.62 -8.48
N THR D 148 -12.11 -12.49 -9.47
CA THR D 148 -12.12 -11.27 -10.27
C THR D 148 -12.63 -10.09 -9.46
N GLU D 149 -13.56 -10.30 -8.51
CA GLU D 149 -13.99 -9.22 -7.65
C GLU D 149 -12.87 -8.75 -6.73
N TYR D 150 -12.15 -9.70 -6.12
CA TYR D 150 -11.04 -9.35 -5.24
C TYR D 150 -9.93 -8.62 -6.00
N VAL D 151 -9.55 -9.15 -7.16
CA VAL D 151 -8.46 -8.54 -7.92
C VAL D 151 -8.84 -7.16 -8.43
N THR D 152 -10.08 -7.01 -8.93
CA THR D 152 -10.52 -5.71 -9.42
C THR D 152 -10.61 -4.69 -8.28
N LEU D 153 -11.11 -5.11 -7.12
CA LEU D 153 -11.22 -4.18 -6.00
C LEU D 153 -9.85 -3.77 -5.45
N ILE D 154 -8.90 -4.71 -5.42
CA ILE D 154 -7.56 -4.37 -4.94
C ILE D 154 -6.83 -3.48 -5.95
N MET D 155 -6.90 -3.83 -7.23
CA MET D 155 -6.15 -3.11 -8.25
C MET D 155 -6.79 -1.79 -8.65
N THR D 156 -8.07 -1.58 -8.32
CA THR D 156 -8.78 -0.36 -8.69
C THR D 156 -9.10 0.51 -7.48
N ARG D 157 -9.78 -0.04 -6.47
CA ARG D 157 -10.16 0.73 -5.30
C ARG D 157 -9.11 0.70 -4.20
N GLY D 158 -8.28 -0.34 -4.16
CA GLY D 158 -7.24 -0.46 -3.17
C GLY D 158 -5.97 0.26 -3.57
N MET D 159 -4.88 -0.09 -2.88
CA MET D 159 -3.58 0.54 -3.12
C MET D 159 -2.67 -0.31 -4.00
N MET D 160 -3.25 -1.16 -4.86
CA MET D 160 -2.51 -1.93 -5.87
C MET D 160 -1.47 -2.85 -5.24
N PHE D 161 -1.85 -3.48 -4.12
CA PHE D 161 -1.05 -4.39 -3.31
C PHE D 161 0.18 -3.73 -2.67
N VAL D 162 0.39 -2.43 -2.84
CA VAL D 162 1.67 -1.80 -2.56
C VAL D 162 1.97 -1.76 -1.07
N ASN D 163 0.98 -1.35 -0.27
CA ASN D 163 1.20 -1.07 1.15
C ASN D 163 0.59 -2.14 2.03
N MET D 164 0.75 -3.41 1.66
CA MET D 164 0.23 -4.54 2.40
C MET D 164 1.38 -5.28 3.09
N THR D 165 1.21 -5.58 4.38
CA THR D 165 2.19 -6.33 5.13
C THR D 165 2.18 -7.79 4.67
N PRO D 166 3.27 -8.53 4.94
CA PRO D 166 3.26 -9.98 4.61
C PRO D 166 2.14 -10.76 5.27
N CYS D 167 1.80 -10.41 6.52
CA CYS D 167 0.70 -11.08 7.19
C CYS D 167 -0.62 -10.84 6.49
N GLN D 168 -0.86 -9.59 6.05
CA GLN D 168 -2.09 -9.28 5.33
C GLN D 168 -2.18 -10.03 4.02
N LEU D 169 -1.07 -10.09 3.28
CA LEU D 169 -1.06 -10.80 2.00
C LEU D 169 -1.28 -12.30 2.19
N ASN D 170 -0.63 -12.90 3.19
CA ASN D 170 -0.82 -14.32 3.46
C ASN D 170 -2.24 -14.63 3.90
N VAL D 171 -2.82 -13.77 4.76
CA VAL D 171 -4.19 -13.97 5.22
C VAL D 171 -5.17 -13.86 4.05
N ASP D 172 -4.99 -12.86 3.20
CA ASP D 172 -5.87 -12.71 2.04
C ASP D 172 -5.73 -13.89 1.09
N PHE D 173 -4.50 -14.37 0.86
CA PHE D 173 -4.27 -15.50 -0.02
C PHE D 173 -4.93 -16.77 0.51
N VAL D 174 -4.85 -16.99 1.81
CA VAL D 174 -5.48 -18.18 2.39
C VAL D 174 -7.00 -18.06 2.38
N VAL D 175 -7.53 -16.90 2.78
CA VAL D 175 -8.97 -16.72 2.89
C VAL D 175 -9.65 -16.73 1.52
N LEU D 176 -8.93 -16.33 0.47
CA LEU D 176 -9.47 -16.38 -0.89
C LEU D 176 -9.74 -17.81 -1.37
N LEU D 177 -9.25 -18.83 -0.66
CA LEU D 177 -9.35 -20.22 -1.08
C LEU D 177 -10.40 -21.00 -0.29
N VAL D 178 -11.32 -20.31 0.39
CA VAL D 178 -12.30 -21.00 1.23
C VAL D 178 -13.30 -21.79 0.37
N TYR D 179 -13.70 -21.24 -0.78
CA TYR D 179 -14.59 -21.97 -1.66
C TYR D 179 -13.89 -23.16 -2.31
N VAL D 180 -12.59 -23.03 -2.58
CA VAL D 180 -11.82 -24.15 -3.09
C VAL D 180 -11.73 -25.25 -2.04
N LEU D 181 -11.55 -24.87 -0.77
CA LEU D 181 -11.55 -25.86 0.32
C LEU D 181 -12.90 -26.55 0.46
N PHE D 182 -13.99 -25.78 0.30
CA PHE D 182 -15.33 -26.37 0.30
C PHE D 182 -15.49 -27.36 -0.85
N LEU D 183 -14.97 -27.02 -2.03
CA LEU D 183 -14.99 -27.94 -3.16
C LEU D 183 -14.18 -29.21 -2.87
N MET D 184 -13.05 -29.05 -2.19
CA MET D 184 -12.24 -30.20 -1.79
C MET D 184 -13.02 -31.13 -0.86
N ALA D 185 -13.67 -30.58 0.15
CA ALA D 185 -14.43 -31.39 1.10
C ALA D 185 -15.62 -32.06 0.42
N LEU D 186 -16.33 -31.32 -0.44
CA LEU D 186 -17.47 -31.89 -1.15
C LEU D 186 -17.04 -33.02 -2.08
N THR D 187 -15.93 -32.83 -2.80
CA THR D 187 -15.43 -33.88 -3.69
C THR D 187 -14.97 -35.09 -2.89
N PHE D 188 -14.37 -34.85 -1.72
CA PHE D 188 -13.98 -35.96 -0.83
C PHE D 188 -15.19 -36.80 -0.43
N PHE D 189 -16.26 -36.14 0.03
CA PHE D 189 -17.43 -36.90 0.47
C PHE D 189 -18.14 -37.59 -0.70
N VAL D 190 -18.22 -36.92 -1.85
CA VAL D 190 -18.89 -37.53 -3.00
C VAL D 190 -18.08 -38.73 -3.51
N SER D 191 -16.76 -38.62 -3.55
CA SER D 191 -15.92 -39.76 -3.95
C SER D 191 -15.97 -40.88 -2.92
N LYS D 192 -16.11 -40.55 -1.64
CA LYS D 192 -16.30 -41.60 -0.63
C LYS D 192 -17.64 -42.30 -0.80
N ALA D 193 -18.65 -41.59 -1.29
CA ALA D 193 -19.96 -42.18 -1.52
C ALA D 193 -19.98 -43.22 -2.63
N THR D 194 -18.90 -43.33 -3.43
CA THR D 194 -18.84 -44.31 -4.50
C THR D 194 -18.51 -45.71 -4.02
N PHE D 195 -18.20 -45.89 -2.74
CA PHE D 195 -17.66 -47.15 -2.25
C PHE D 195 -18.71 -48.24 -2.04
N CYS D 196 -19.99 -47.91 -2.18
CA CYS D 196 -21.05 -48.91 -2.00
C CYS D 196 -21.98 -48.91 -3.20
N GLY D 197 -22.44 -50.09 -3.58
CA GLY D 197 -23.36 -50.24 -4.68
C GLY D 197 -23.24 -51.58 -5.38
N PRO D 198 -24.22 -51.92 -6.22
CA PRO D 198 -24.19 -53.22 -6.93
C PRO D 198 -23.12 -53.31 -7.99
N CYS D 199 -22.64 -52.19 -8.53
CA CYS D 199 -21.64 -52.19 -9.59
C CYS D 199 -20.26 -52.01 -8.99
N GLU D 200 -19.31 -52.85 -9.42
CA GLU D 200 -17.97 -52.84 -8.87
C GLU D 200 -16.90 -52.38 -9.84
N ASN D 201 -17.19 -52.34 -11.14
CA ASN D 201 -16.19 -51.90 -12.11
C ASN D 201 -16.04 -50.38 -12.19
N TRP D 202 -16.97 -49.62 -11.61
CA TRP D 202 -16.81 -48.18 -11.48
C TRP D 202 -16.23 -47.76 -10.14
N LYS D 203 -15.97 -48.72 -9.24
CA LYS D 203 -15.46 -48.38 -7.92
C LYS D 203 -13.99 -47.97 -7.95
N GLN D 204 -13.22 -48.47 -8.92
CA GLN D 204 -11.80 -48.14 -8.98
C GLN D 204 -11.57 -46.68 -9.37
N HIS D 205 -12.43 -46.13 -10.24
CA HIS D 205 -12.31 -44.71 -10.61
C HIS D 205 -12.57 -43.82 -9.41
N GLY D 206 -13.61 -44.12 -8.64
CA GLY D 206 -13.87 -43.39 -7.41
C GLY D 206 -12.79 -43.59 -6.37
N ARG D 207 -12.16 -44.76 -6.34
CA ARG D 207 -11.04 -44.99 -5.45
C ARG D 207 -9.85 -44.10 -5.81
N LEU D 208 -9.55 -43.97 -7.11
CA LEU D 208 -8.49 -43.08 -7.55
C LEU D 208 -8.81 -41.62 -7.21
N ILE D 209 -10.07 -41.21 -7.42
CA ILE D 209 -10.46 -39.84 -7.07
C ILE D 209 -10.34 -39.61 -5.56
N PHE D 210 -10.75 -40.60 -4.76
CA PHE D 210 -10.66 -40.49 -3.31
C PHE D 210 -9.20 -40.36 -2.85
N ILE D 211 -8.31 -41.16 -3.43
CA ILE D 211 -6.89 -41.10 -3.08
C ILE D 211 -6.30 -39.75 -3.46
N THR D 212 -6.63 -39.26 -4.67
CA THR D 212 -6.11 -37.97 -5.12
C THR D 212 -6.61 -36.83 -4.23
N VAL D 213 -7.89 -36.84 -3.86
CA VAL D 213 -8.44 -35.77 -3.03
C VAL D 213 -7.87 -35.84 -1.62
N LEU D 214 -7.67 -37.05 -1.08
CA LEU D 214 -7.07 -37.17 0.24
C LEU D 214 -5.64 -36.63 0.27
N PHE D 215 -4.85 -36.97 -0.77
CA PHE D 215 -3.49 -36.45 -0.85
C PHE D 215 -3.48 -34.93 -1.01
N SER D 216 -4.41 -34.40 -1.81
CA SER D 216 -4.50 -32.96 -1.99
C SER D 216 -4.89 -32.26 -0.69
N ILE D 217 -5.80 -32.86 0.08
CA ILE D 217 -6.20 -32.29 1.36
C ILE D 217 -5.02 -32.29 2.34
N ILE D 218 -4.24 -33.37 2.35
CA ILE D 218 -3.06 -33.43 3.23
C ILE D 218 -2.06 -32.34 2.83
N ILE D 219 -1.80 -32.19 1.53
CA ILE D 219 -0.87 -31.18 1.05
C ILE D 219 -1.36 -29.77 1.39
N TRP D 220 -2.67 -29.53 1.20
CA TRP D 220 -3.22 -28.20 1.49
C TRP D 220 -3.13 -27.85 2.96
N VAL D 221 -3.45 -28.82 3.84
CA VAL D 221 -3.29 -28.61 5.28
C VAL D 221 -1.84 -28.28 5.60
N VAL D 222 -0.90 -29.00 4.99
CA VAL D 222 0.52 -28.79 5.27
C VAL D 222 0.95 -27.38 4.88
N TRP D 223 0.64 -26.93 3.65
CA TRP D 223 1.22 -25.66 3.27
C TRP D 223 0.47 -24.49 3.90
N ILE D 224 -0.84 -24.65 4.17
CA ILE D 224 -1.56 -23.59 4.87
C ILE D 224 -1.03 -23.44 6.30
N SER D 225 -0.77 -24.56 6.99
CA SER D 225 -0.20 -24.49 8.32
C SER D 225 1.22 -23.92 8.30
N MET D 226 1.99 -24.22 7.25
CA MET D 226 3.34 -23.66 7.17
C MET D 226 3.33 -22.16 6.87
N LEU D 227 2.43 -21.72 5.99
CA LEU D 227 2.39 -20.31 5.60
C LEU D 227 1.82 -19.45 6.72
N LEU D 228 0.71 -19.87 7.32
CA LEU D 228 0.06 -19.03 8.32
C LEU D 228 0.79 -19.06 9.66
N ARG D 229 1.32 -20.22 10.05
CA ARG D 229 1.90 -20.38 11.38
C ARG D 229 3.33 -20.88 11.36
N GLY D 230 3.67 -21.80 10.45
CA GLY D 230 5.00 -22.38 10.46
C GLY D 230 6.09 -21.40 10.09
N ASN D 231 5.85 -20.58 9.08
CA ASN D 231 6.87 -19.62 8.63
C ASN D 231 7.22 -18.56 9.68
N PRO D 232 6.28 -17.91 10.39
CA PRO D 232 6.70 -17.01 11.48
C PRO D 232 7.33 -17.73 12.66
N GLN D 233 7.06 -19.02 12.85
CA GLN D 233 7.59 -19.74 14.01
C GLN D 233 9.09 -19.98 13.86
N PHE D 234 9.55 -20.29 12.65
CA PHE D 234 10.96 -20.56 12.40
C PHE D 234 11.72 -19.29 12.01
N GLN D 235 11.11 -18.11 12.18
CA GLN D 235 11.69 -16.82 11.80
C GLN D 235 12.12 -16.81 10.33
N ARG D 236 11.28 -17.35 9.46
CA ARG D 236 11.55 -17.41 8.03
C ARG D 236 10.39 -16.81 7.25
N GLN D 237 9.89 -15.67 7.71
CA GLN D 237 8.84 -14.92 7.03
C GLN D 237 9.39 -13.55 6.63
N PRO D 238 9.21 -13.13 5.37
CA PRO D 238 8.54 -13.81 4.26
C PRO D 238 9.52 -14.51 3.32
N GLN D 239 10.60 -15.09 3.85
CA GLN D 239 11.58 -15.75 2.98
C GLN D 239 11.06 -17.07 2.44
N TRP D 240 10.16 -17.74 3.17
CA TRP D 240 9.70 -19.06 2.80
C TRP D 240 8.28 -19.07 2.23
N ASP D 241 7.66 -17.91 2.00
CA ASP D 241 6.27 -17.90 1.53
C ASP D 241 6.16 -18.40 0.10
N ASP D 242 6.79 -17.70 -0.84
CA ASP D 242 6.84 -18.16 -2.22
C ASP D 242 7.43 -19.56 -2.39
N PRO D 243 8.51 -19.97 -1.69
CA PRO D 243 8.92 -21.38 -1.79
C PRO D 243 7.87 -22.40 -1.38
N VAL D 244 7.16 -22.19 -0.26
CA VAL D 244 6.21 -23.23 0.15
C VAL D 244 4.99 -23.24 -0.76
N VAL D 245 4.57 -22.07 -1.26
CA VAL D 245 3.44 -22.05 -2.19
C VAL D 245 3.82 -22.71 -3.51
N CYS D 246 5.04 -22.44 -4.01
CA CYS D 246 5.48 -23.07 -5.25
C CYS D 246 5.66 -24.57 -5.09
N ILE D 247 6.22 -25.02 -3.96
CA ILE D 247 6.39 -26.44 -3.68
C ILE D 247 5.03 -27.14 -3.63
N ALA D 248 4.06 -26.52 -2.93
CA ALA D 248 2.73 -27.09 -2.85
C ALA D 248 2.06 -27.15 -4.21
N LEU D 249 2.22 -26.10 -5.02
CA LEU D 249 1.63 -26.06 -6.36
C LEU D 249 2.18 -27.18 -7.24
N VAL D 250 3.51 -27.29 -7.31
CA VAL D 250 4.14 -28.31 -8.14
C VAL D 250 3.80 -29.70 -7.63
N THR D 251 3.84 -29.91 -6.31
CA THR D 251 3.57 -31.22 -5.74
C THR D 251 2.13 -31.65 -5.98
N ASN D 252 1.17 -30.75 -5.81
CA ASN D 252 -0.22 -31.12 -5.99
C ASN D 252 -0.55 -31.31 -7.46
N ALA D 253 0.10 -30.54 -8.35
CA ALA D 253 -0.05 -30.80 -9.78
C ALA D 253 0.50 -32.17 -10.16
N TRP D 254 1.62 -32.57 -9.56
CA TRP D 254 2.17 -33.89 -9.83
C TRP D 254 1.30 -35.00 -9.22
N VAL D 255 0.64 -34.73 -8.09
CA VAL D 255 -0.34 -35.68 -7.56
C VAL D 255 -1.51 -35.83 -8.53
N PHE D 256 -1.99 -34.71 -9.09
CA PHE D 256 -3.04 -34.77 -10.10
C PHE D 256 -2.62 -35.57 -11.32
N LEU D 257 -1.36 -35.42 -11.75
CA LEU D 257 -0.88 -36.16 -12.91
C LEU D 257 -0.71 -37.65 -12.61
N LEU D 258 -0.15 -37.99 -11.45
CA LEU D 258 0.32 -39.35 -11.20
C LEU D 258 -0.72 -40.24 -10.52
N LEU D 259 -1.56 -39.69 -9.65
CA LEU D 259 -2.53 -40.51 -8.93
C LEU D 259 -3.90 -40.56 -9.60
N TYR D 260 -4.20 -39.63 -10.50
CA TYR D 260 -5.48 -39.63 -11.19
C TYR D 260 -5.35 -39.83 -12.70
N ILE D 261 -4.54 -39.02 -13.38
CA ILE D 261 -4.59 -38.97 -14.84
C ILE D 261 -3.96 -40.22 -15.44
N VAL D 262 -2.77 -40.60 -14.96
CA VAL D 262 -2.05 -41.77 -15.44
C VAL D 262 -2.80 -43.07 -15.16
N PRO D 263 -3.34 -43.33 -13.95
CA PRO D 263 -4.17 -44.54 -13.78
C PRO D 263 -5.43 -44.53 -14.62
N GLU D 264 -6.04 -43.36 -14.85
CA GLU D 264 -7.20 -43.29 -15.74
C GLU D 264 -6.82 -43.65 -17.17
N LEU D 265 -5.65 -43.17 -17.63
CA LEU D 265 -5.15 -43.55 -18.95
C LEU D 265 -4.90 -45.04 -19.04
N CYS D 266 -4.32 -45.62 -17.99
CA CYS D 266 -4.07 -47.06 -17.98
C CYS D 266 -5.35 -47.87 -18.00
N ILE D 267 -6.39 -47.41 -17.28
CA ILE D 267 -7.66 -48.12 -17.27
C ILE D 267 -8.35 -48.00 -18.62
N LEU D 268 -8.36 -46.79 -19.21
CA LEU D 268 -9.02 -46.59 -20.49
C LEU D 268 -8.27 -47.28 -21.63
N TYR D 269 -6.96 -47.50 -21.48
CA TYR D 269 -6.21 -48.13 -22.57
C TYR D 269 -6.52 -49.61 -22.69
N ARG D 270 -6.70 -50.30 -21.57
CA ARG D 270 -7.01 -51.74 -21.60
C ARG D 270 -8.51 -52.01 -21.69
N SER D 271 -9.15 -51.33 -22.64
CA SER D 271 -10.59 -51.50 -22.86
C SER D 271 -10.93 -51.33 -24.34
#